data_6PC2
#
_entry.id   6PC2
#
_cell.length_a   113.016
_cell.length_b   94.475
_cell.length_c   107.197
_cell.angle_alpha   90.00
_cell.angle_beta   108.53
_cell.angle_gamma   90.00
#
_symmetry.space_group_name_H-M   'C 1 2 1'
#
loop_
_entity.id
_entity.type
_entity.pdbx_description
1 polymer 'Guanosine pentaphosphate phosphohydrolase'
2 non-polymer 'MAGNESIUM ION'
3 non-polymer 'PHOSPHATE ION'
4 non-polymer 'PHOSPHOAMINOPHOSPHONIC ACID-GUANYLATE ESTER'
5 water water
#
_entity_poly.entity_id   1
_entity_poly.type   'polypeptide(L)'
_entity_poly.pdbx_seq_one_letter_code
;MRGSHHHHHHGSAKITTVIDIGSNSVRLAVFKKTSQFGFYLLFETKSKVRISEGCYAFNGILQEIPMQRAVKALSEFKEI
ALKYKSKKILCVATSAVRDAPNRLEFVARVKKACGLQIKIIDGQKEALYGGIACANLLHKNSGITIDIGGGSTECALIEK
GKIKDLISLDVGTIRIKEMFLDKDLDVKLAKAFIQKEVSKLPFKHKNAFGVGGTIRALSKVLMKRFDYPIDSLHGYEIDA
HKNLAFIEKIVMLKEDQLRLLGVNEERLDSIRSGALILSVVLEHLKTSLMITSGVGVREGVFLSDLLRNHYHKFPPNINP
SLISLKDRFLPHEKHSQKVKKECVKLFEALSPLHKIDEKYLFHLKIAGELASMGKILSVYLAHKHSAYFILNALSYGFSH
QDRAIICLLAQFSHKKIPKDNAIAHMSAMMPSLLTLQWLSFILSLAENLCLTDSHHLKYTLEKNKLVIHSNDALYLAKEM
LPKLVKPIPLTIEFA
;
_entity_poly.pdbx_strand_id   A,B
#
# COMPACT_ATOMS: atom_id res chain seq x y z
N LYS A 14 18.66 -16.04 6.14
CA LYS A 14 17.40 -15.27 6.32
C LYS A 14 17.67 -13.78 6.06
N ILE A 15 18.45 -13.14 6.92
CA ILE A 15 18.72 -11.72 6.73
C ILE A 15 20.21 -11.55 6.45
N THR A 16 20.54 -10.88 5.36
CA THR A 16 21.91 -10.71 4.91
C THR A 16 22.19 -9.24 4.64
N THR A 17 23.34 -8.76 5.09
CA THR A 17 23.77 -7.40 4.88
C THR A 17 24.94 -7.36 3.89
N VAL A 18 24.97 -6.33 3.07
CA VAL A 18 26.04 -6.12 2.09
C VAL A 18 26.47 -4.67 2.16
N ILE A 19 27.74 -4.43 2.47
CA ILE A 19 28.30 -3.10 2.54
C ILE A 19 29.19 -2.88 1.31
N ASP A 20 28.94 -1.80 0.58
CA ASP A 20 29.69 -1.44 -0.62
C ASP A 20 30.51 -0.20 -0.29
N ILE A 21 31.80 -0.38 -0.03
CA ILE A 21 32.68 0.74 0.28
C ILE A 21 33.17 1.34 -1.02
N GLY A 22 32.40 2.29 -1.56
CA GLY A 22 32.75 2.90 -2.84
C GLY A 22 33.73 4.04 -2.70
N SER A 23 34.20 4.52 -3.86
CA SER A 23 35.09 5.67 -3.88
C SER A 23 34.40 6.90 -3.33
N ASN A 24 33.19 7.17 -3.81
CA ASN A 24 32.38 8.32 -3.42
C ASN A 24 31.29 7.94 -2.42
N SER A 25 30.52 6.89 -2.73
CA SER A 25 29.38 6.50 -1.91
C SER A 25 29.67 5.14 -1.27
N VAL A 26 29.64 5.10 0.06
CA VAL A 26 29.70 3.85 0.80
C VAL A 26 28.28 3.47 1.18
N ARG A 27 27.75 2.43 0.54
CA ARG A 27 26.36 2.06 0.68
C ARG A 27 26.21 0.90 1.66
N LEU A 28 24.95 0.64 2.03
CA LEU A 28 24.58 -0.53 2.81
C LEU A 28 23.24 -1.03 2.31
N ALA A 29 23.06 -2.35 2.33
CA ALA A 29 21.82 -2.96 1.88
C ALA A 29 21.54 -4.19 2.74
N VAL A 30 20.33 -4.26 3.28
CA VAL A 30 19.90 -5.37 4.12
C VAL A 30 18.85 -6.16 3.33
N PHE A 31 19.18 -7.39 2.99
CA PHE A 31 18.28 -8.26 2.25
C PHE A 31 17.64 -9.28 3.19
N LYS A 32 16.41 -9.68 2.86
CA LYS A 32 15.70 -10.71 3.60
C LYS A 32 15.25 -11.80 2.64
N LYS A 33 15.62 -13.04 2.95
CA LYS A 33 15.28 -14.20 2.13
C LYS A 33 13.96 -14.78 2.61
N THR A 34 12.92 -14.68 1.76
CA THR A 34 11.59 -15.13 2.12
C THR A 34 11.24 -16.49 1.54
N SER A 35 12.04 -17.02 0.63
CA SER A 35 11.76 -18.30 -0.02
C SER A 35 13.08 -18.83 -0.60
N GLN A 36 12.98 -19.92 -1.36
CA GLN A 36 14.16 -20.46 -2.04
C GLN A 36 14.72 -19.44 -3.02
N PHE A 37 13.85 -18.67 -3.68
CA PHE A 37 14.26 -17.65 -4.63
C PHE A 37 13.63 -16.30 -4.35
N GLY A 38 12.91 -16.15 -3.23
CA GLY A 38 12.24 -14.91 -2.90
C GLY A 38 13.09 -14.06 -1.98
N PHE A 39 13.22 -12.79 -2.32
CA PHE A 39 13.97 -11.84 -1.51
C PHE A 39 13.51 -10.43 -1.86
N TYR A 40 13.54 -9.55 -0.85
CA TYR A 40 13.22 -8.15 -1.04
C TYR A 40 14.16 -7.29 -0.23
N LEU A 41 14.48 -6.11 -0.76
CA LEU A 41 15.37 -5.18 -0.08
C LEU A 41 14.69 -4.66 1.18
N LEU A 42 15.22 -5.06 2.35
CA LEU A 42 14.60 -4.69 3.62
C LEU A 42 14.99 -3.28 4.07
N PHE A 43 16.19 -2.84 3.71
CA PHE A 43 16.68 -1.54 4.12
C PHE A 43 17.86 -1.15 3.23
N GLU A 44 18.03 0.15 3.04
CA GLU A 44 19.21 0.66 2.35
C GLU A 44 19.53 2.05 2.89
N THR A 45 20.79 2.43 2.72
CA THR A 45 21.26 3.76 3.12
C THR A 45 22.46 4.12 2.25
N LYS A 46 23.02 5.30 2.51
CA LYS A 46 24.16 5.78 1.70
C LYS A 46 24.91 6.84 2.50
N SER A 47 26.18 7.03 2.17
CA SER A 47 27.02 8.01 2.86
C SER A 47 28.07 8.54 1.89
N LYS A 48 28.18 9.86 1.81
CA LYS A 48 29.17 10.52 0.96
C LYS A 48 30.44 10.79 1.75
N VAL A 49 31.10 9.68 2.15
CA VAL A 49 32.37 9.83 2.86
C VAL A 49 33.46 10.23 1.89
N ARG A 50 33.38 9.79 0.63
CA ARG A 50 34.39 10.08 -0.39
C ARG A 50 35.79 9.77 0.13
N ILE A 51 36.00 8.48 0.39
CA ILE A 51 37.28 8.02 0.90
C ILE A 51 38.42 8.47 -0.01
N SER A 52 38.16 8.59 -1.32
CA SER A 52 39.16 9.04 -2.27
C SER A 52 38.97 10.53 -2.54
N GLU A 53 39.44 11.34 -1.60
CA GLU A 53 39.43 12.80 -1.74
C GLU A 53 40.89 13.27 -1.71
N GLY A 54 41.44 13.57 -2.88
CA GLY A 54 42.82 14.00 -2.98
C GLY A 54 43.84 12.89 -3.04
N CYS A 55 43.42 11.68 -3.41
CA CYS A 55 44.33 10.54 -3.48
C CYS A 55 44.88 10.29 -4.87
N TYR A 56 44.17 10.72 -5.92
CA TYR A 56 44.63 10.50 -7.28
C TYR A 56 45.80 11.41 -7.65
N ALA A 57 46.13 12.39 -6.80
CA ALA A 57 47.33 13.18 -7.00
C ALA A 57 48.54 12.62 -6.24
N PHE A 58 48.29 11.84 -5.18
CA PHE A 58 49.35 11.27 -4.36
C PHE A 58 49.61 9.81 -4.71
N ASN A 59 49.23 9.37 -5.91
CA ASN A 59 49.36 7.98 -6.34
C ASN A 59 48.57 7.03 -5.42
N GLY A 60 47.28 7.33 -5.29
CA GLY A 60 46.37 6.48 -4.55
C GLY A 60 46.55 6.46 -3.06
N ILE A 61 47.29 7.40 -2.49
CA ILE A 61 47.47 7.47 -1.05
C ILE A 61 46.21 8.06 -0.43
N LEU A 62 45.54 7.27 0.43
CA LEU A 62 44.31 7.68 1.05
C LEU A 62 44.61 8.65 2.20
N GLN A 63 44.08 9.86 2.10
CA GLN A 63 44.32 10.88 3.12
C GLN A 63 43.67 10.48 4.44
N GLU A 64 44.04 11.20 5.50
CA GLU A 64 43.53 10.89 6.83
C GLU A 64 42.12 11.44 7.05
N ILE A 65 41.81 12.59 6.45
CA ILE A 65 40.45 13.15 6.59
C ILE A 65 39.39 12.20 6.07
N PRO A 66 39.48 11.65 4.84
CA PRO A 66 38.40 10.77 4.37
C PRO A 66 38.40 9.41 5.03
N MET A 67 39.56 8.89 5.42
CA MET A 67 39.60 7.55 6.01
C MET A 67 38.88 7.49 7.35
N GLN A 68 39.08 8.50 8.20
CA GLN A 68 38.43 8.49 9.50
C GLN A 68 36.92 8.66 9.37
N ARG A 69 36.45 9.29 8.29
CA ARG A 69 35.03 9.33 8.02
C ARG A 69 34.50 7.94 7.69
N ALA A 70 35.23 7.18 6.87
CA ALA A 70 34.83 5.82 6.54
C ALA A 70 34.82 4.93 7.78
N VAL A 71 35.68 5.22 8.75
CA VAL A 71 35.68 4.44 9.99
C VAL A 71 34.39 4.67 10.77
N LYS A 72 33.95 5.93 10.87
CA LYS A 72 32.74 6.23 11.63
C LYS A 72 31.49 5.76 10.88
N ALA A 73 31.49 5.86 9.55
CA ALA A 73 30.35 5.38 8.77
C ALA A 73 30.23 3.87 8.84
N LEU A 74 31.35 3.16 8.66
CA LEU A 74 31.34 1.70 8.76
C LEU A 74 31.00 1.24 10.17
N SER A 75 31.47 1.98 11.19
CA SER A 75 31.17 1.60 12.56
C SER A 75 29.68 1.70 12.87
N GLU A 76 28.97 2.57 12.17
CA GLU A 76 27.53 2.68 12.34
C GLU A 76 26.76 1.79 11.38
N PHE A 77 27.33 1.48 10.21
CA PHE A 77 26.74 0.45 9.37
C PHE A 77 26.73 -0.90 10.07
N LYS A 78 27.67 -1.11 11.00
CA LYS A 78 27.68 -2.32 11.80
C LYS A 78 26.47 -2.39 12.72
N GLU A 79 26.17 -1.30 13.42
CA GLU A 79 25.03 -1.28 14.33
C GLU A 79 23.73 -1.50 13.58
N ILE A 80 23.61 -0.95 12.36
CA ILE A 80 22.40 -1.15 11.57
C ILE A 80 22.22 -2.63 11.23
N ALA A 81 23.28 -3.27 10.73
CA ALA A 81 23.20 -4.68 10.38
C ALA A 81 22.86 -5.53 11.60
N LEU A 82 23.38 -5.16 12.77
CA LEU A 82 23.05 -5.89 13.99
C LEU A 82 21.64 -5.54 14.47
N LYS A 83 21.23 -4.29 14.27
CA LYS A 83 19.90 -3.86 14.71
C LYS A 83 18.80 -4.63 14.01
N TYR A 84 19.02 -5.05 12.76
CA TYR A 84 18.04 -5.81 12.00
C TYR A 84 18.23 -7.32 12.12
N LYS A 85 19.02 -7.77 13.09
CA LYS A 85 19.20 -9.20 13.37
C LYS A 85 19.71 -9.96 12.14
N SER A 86 20.75 -9.41 11.53
CA SER A 86 21.35 -10.04 10.36
C SER A 86 22.36 -11.10 10.79
N LYS A 87 22.29 -12.26 10.12
CA LYS A 87 23.17 -13.38 10.43
C LYS A 87 24.38 -13.46 9.50
N LYS A 88 24.46 -12.59 8.50
CA LYS A 88 25.59 -12.56 7.58
C LYS A 88 25.88 -11.11 7.18
N ILE A 89 27.16 -10.76 7.14
CA ILE A 89 27.61 -9.43 6.74
C ILE A 89 28.80 -9.60 5.81
N LEU A 90 28.67 -9.13 4.57
CA LEU A 90 29.72 -9.21 3.58
C LEU A 90 30.13 -7.79 3.19
N CYS A 91 31.40 -7.46 3.42
CA CYS A 91 31.95 -6.16 3.07
C CYS A 91 32.83 -6.29 1.84
N VAL A 92 32.70 -5.34 0.91
CA VAL A 92 33.51 -5.32 -0.30
C VAL A 92 34.01 -3.90 -0.53
N ALA A 93 35.26 -3.78 -0.92
CA ALA A 93 35.87 -2.53 -1.34
C ALA A 93 36.06 -2.53 -2.85
N THR A 94 36.35 -1.37 -3.40
CA THR A 94 36.40 -1.19 -4.85
C THR A 94 37.59 -0.29 -5.20
N SER A 95 37.56 0.23 -6.43
CA SER A 95 38.71 0.91 -7.06
C SER A 95 39.54 1.76 -6.11
N ALA A 96 38.89 2.67 -5.38
CA ALA A 96 39.62 3.61 -4.53
C ALA A 96 40.40 2.91 -3.42
N VAL A 97 40.11 1.65 -3.14
CA VAL A 97 40.79 0.91 -2.09
C VAL A 97 41.76 -0.13 -2.65
N ARG A 98 41.36 -0.83 -3.72
CA ARG A 98 42.23 -1.85 -4.29
C ARG A 98 43.48 -1.24 -4.91
N ASP A 99 43.39 -0.01 -5.40
CA ASP A 99 44.52 0.69 -6.00
C ASP A 99 45.22 1.62 -5.00
N ALA A 100 45.20 1.26 -3.72
CA ALA A 100 45.75 2.09 -2.67
C ALA A 100 47.02 1.46 -2.11
N PRO A 101 48.11 2.22 -2.00
CA PRO A 101 49.30 1.67 -1.32
C PRO A 101 49.04 1.31 0.14
N ASN A 102 48.19 2.08 0.83
CA ASN A 102 47.81 1.79 2.20
C ASN A 102 46.56 0.93 2.29
N ARG A 103 46.33 0.08 1.28
CA ARG A 103 45.15 -0.79 1.26
C ARG A 103 45.08 -1.66 2.50
N LEU A 104 46.19 -2.33 2.84
CA LEU A 104 46.21 -3.22 4.01
C LEU A 104 46.06 -2.43 5.31
N GLU A 105 46.47 -1.16 5.31
CA GLU A 105 46.38 -0.34 6.51
C GLU A 105 44.92 -0.02 6.85
N PHE A 106 44.07 0.13 5.83
CA PHE A 106 42.67 0.45 6.08
C PHE A 106 41.88 -0.79 6.49
N VAL A 107 42.19 -1.95 5.91
CA VAL A 107 41.51 -3.19 6.28
C VAL A 107 41.83 -3.58 7.71
N ALA A 108 42.92 -3.08 8.27
CA ALA A 108 43.28 -3.39 9.65
C ALA A 108 42.59 -2.46 10.64
N ARG A 109 42.61 -1.15 10.39
CA ARG A 109 42.03 -0.20 11.34
C ARG A 109 40.51 -0.25 11.38
N VAL A 110 39.86 -0.82 10.37
CA VAL A 110 38.41 -0.98 10.42
C VAL A 110 38.04 -2.07 11.43
N LYS A 111 38.83 -3.15 11.49
CA LYS A 111 38.64 -4.15 12.52
C LYS A 111 38.98 -3.59 13.90
N LYS A 112 39.90 -2.61 13.95
CA LYS A 112 40.26 -2.00 15.22
C LYS A 112 39.08 -1.30 15.85
N ALA A 113 38.24 -0.64 15.05
CA ALA A 113 37.13 0.14 15.57
C ALA A 113 35.85 -0.68 15.72
N CYS A 114 35.36 -1.24 14.61
CA CYS A 114 34.09 -1.96 14.60
C CYS A 114 34.22 -3.46 14.49
N GLY A 115 35.23 -3.97 13.78
CA GLY A 115 35.39 -5.39 13.64
C GLY A 115 34.77 -5.94 12.36
N LEU A 116 35.07 -5.30 11.24
CA LEU A 116 34.55 -5.71 9.93
C LEU A 116 35.70 -6.16 9.05
N GLN A 117 35.57 -7.34 8.46
CA GLN A 117 36.59 -7.91 7.58
C GLN A 117 36.28 -7.51 6.15
N ILE A 118 36.93 -6.48 5.65
CA ILE A 118 36.72 -6.00 4.29
C ILE A 118 37.41 -6.94 3.32
N LYS A 119 36.70 -7.34 2.27
CA LYS A 119 37.23 -8.20 1.21
C LYS A 119 37.42 -7.36 -0.04
N ILE A 120 38.67 -7.01 -0.35
CA ILE A 120 38.95 -6.19 -1.51
C ILE A 120 38.64 -6.95 -2.79
N ILE A 121 37.87 -6.33 -3.67
CA ILE A 121 37.48 -6.93 -4.94
C ILE A 121 38.34 -6.34 -6.05
N ASP A 122 38.64 -7.16 -7.05
CA ASP A 122 39.39 -6.69 -8.21
C ASP A 122 38.44 -6.16 -9.28
N GLY A 123 39.01 -5.44 -10.25
CA GLY A 123 38.20 -4.80 -11.26
C GLY A 123 37.41 -5.79 -12.10
N GLN A 124 38.02 -6.93 -12.43
CA GLN A 124 37.31 -7.96 -13.19
C GLN A 124 36.21 -8.60 -12.36
N LYS A 125 36.45 -8.76 -11.05
CA LYS A 125 35.45 -9.36 -10.17
C LYS A 125 34.36 -8.36 -9.79
N GLU A 126 34.68 -7.06 -9.78
CA GLU A 126 33.66 -6.06 -9.52
C GLU A 126 32.66 -6.00 -10.67
N ALA A 127 33.14 -6.04 -11.91
CA ALA A 127 32.24 -6.08 -13.06
C ALA A 127 31.41 -7.35 -13.08
N LEU A 128 31.84 -8.40 -12.39
CA LEU A 128 31.06 -9.63 -12.32
C LEU A 128 29.73 -9.41 -11.63
N TYR A 129 29.77 -8.81 -10.44
CA TYR A 129 28.55 -8.60 -9.66
C TYR A 129 27.57 -7.70 -10.41
N GLY A 130 28.07 -6.69 -11.12
CA GLY A 130 27.20 -5.83 -11.89
C GLY A 130 26.41 -6.59 -12.94
N GLY A 131 27.04 -7.60 -13.55
CA GLY A 131 26.33 -8.42 -14.51
C GLY A 131 25.40 -9.43 -13.88
N ILE A 132 25.76 -9.94 -12.70
CA ILE A 132 24.90 -10.87 -12.00
C ILE A 132 23.60 -10.20 -11.58
N ALA A 133 23.68 -8.92 -11.19
CA ALA A 133 22.48 -8.19 -10.79
C ALA A 133 21.61 -7.84 -12.01
N CYS A 134 22.24 -7.51 -13.14
CA CYS A 134 21.49 -7.10 -14.31
C CYS A 134 20.90 -8.27 -15.09
N ALA A 135 21.62 -9.39 -15.14
CA ALA A 135 21.15 -10.55 -15.91
C ALA A 135 19.96 -11.25 -15.25
N ASN A 136 19.54 -10.83 -14.06
CA ASN A 136 18.45 -11.49 -13.36
C ASN A 136 17.36 -10.53 -12.88
N LEU A 137 17.62 -9.23 -12.80
CA LEU A 137 16.66 -8.28 -12.23
C LEU A 137 16.26 -7.20 -13.23
N LEU A 138 16.32 -7.52 -14.52
CA LEU A 138 15.93 -6.58 -15.57
C LEU A 138 15.13 -7.32 -16.64
N HIS A 139 14.25 -6.58 -17.31
CA HIS A 139 13.37 -7.16 -18.32
C HIS A 139 14.09 -7.48 -19.63
N LYS A 140 15.40 -7.29 -19.70
CA LYS A 140 16.17 -7.67 -20.88
C LYS A 140 17.47 -8.33 -20.42
N ASN A 141 17.78 -9.48 -21.00
CA ASN A 141 18.97 -10.24 -20.67
C ASN A 141 20.00 -10.22 -21.80
N SER A 142 20.02 -9.16 -22.59
CA SER A 142 20.98 -9.00 -23.70
C SER A 142 21.41 -7.54 -23.70
N GLY A 143 22.53 -7.25 -23.03
CA GLY A 143 23.01 -5.89 -22.96
C GLY A 143 24.43 -5.84 -22.44
N ILE A 144 24.89 -4.61 -22.21
CA ILE A 144 26.24 -4.33 -21.72
C ILE A 144 26.12 -3.44 -20.49
N THR A 145 26.48 -3.96 -19.33
CA THR A 145 26.40 -3.19 -18.10
C THR A 145 27.39 -2.02 -18.13
N ILE A 146 27.01 -0.92 -17.48
CA ILE A 146 27.87 0.25 -17.35
C ILE A 146 27.79 0.77 -15.93
N ASP A 147 28.79 0.44 -15.11
CA ASP A 147 28.82 0.86 -13.70
C ASP A 147 29.82 2.01 -13.57
N ILE A 148 29.34 3.23 -13.87
CA ILE A 148 30.16 4.42 -13.76
C ILE A 148 30.19 4.82 -12.29
N GLY A 149 31.28 4.50 -11.60
CA GLY A 149 31.45 4.82 -10.21
C GLY A 149 32.38 5.99 -10.00
N GLY A 150 32.85 6.14 -8.76
CA GLY A 150 33.74 7.24 -8.44
C GLY A 150 35.12 7.08 -9.04
N GLY A 151 35.67 5.87 -8.97
CA GLY A 151 37.02 5.64 -9.46
C GLY A 151 37.11 4.82 -10.73
N SER A 152 36.26 3.80 -10.87
CA SER A 152 36.35 2.86 -11.97
C SER A 152 35.00 2.70 -12.65
N THR A 153 35.04 2.34 -13.94
CA THR A 153 33.87 2.13 -14.76
C THR A 153 33.89 0.70 -15.27
N GLU A 154 32.98 -0.13 -14.76
CA GLU A 154 32.93 -1.55 -15.10
C GLU A 154 31.92 -1.79 -16.20
N CYS A 155 32.25 -2.73 -17.09
CA CYS A 155 31.36 -3.15 -18.16
C CYS A 155 31.37 -4.67 -18.24
N ALA A 156 30.29 -5.23 -18.77
CA ALA A 156 30.14 -6.68 -18.88
C ALA A 156 29.06 -7.00 -19.90
N LEU A 157 29.40 -7.84 -20.87
CA LEU A 157 28.44 -8.31 -21.85
C LEU A 157 27.57 -9.40 -21.26
N ILE A 158 26.26 -9.30 -21.49
CA ILE A 158 25.28 -10.29 -21.06
C ILE A 158 24.57 -10.81 -22.30
N GLU A 159 24.45 -12.12 -22.41
CA GLU A 159 23.81 -12.77 -23.56
C GLU A 159 22.82 -13.81 -23.04
N LYS A 160 21.53 -13.47 -23.09
CA LYS A 160 20.45 -14.37 -22.70
C LYS A 160 20.63 -14.88 -21.27
N GLY A 161 21.13 -14.01 -20.40
CA GLY A 161 21.36 -14.33 -19.01
C GLY A 161 22.79 -14.68 -18.66
N LYS A 162 23.59 -15.08 -19.65
CA LYS A 162 24.97 -15.49 -19.42
C LYS A 162 25.92 -14.34 -19.68
N ILE A 163 26.91 -14.20 -18.81
CA ILE A 163 27.91 -13.13 -18.89
C ILE A 163 29.10 -13.63 -19.69
N LYS A 164 29.48 -12.89 -20.73
CA LYS A 164 30.54 -13.37 -21.62
C LYS A 164 31.91 -12.80 -21.24
N ASP A 165 32.06 -11.48 -21.33
CA ASP A 165 33.34 -10.83 -21.14
C ASP A 165 33.22 -9.68 -20.15
N LEU A 166 34.33 -9.38 -19.49
CA LEU A 166 34.38 -8.37 -18.45
C LEU A 166 35.59 -7.47 -18.68
N ILE A 167 35.43 -6.20 -18.33
CA ILE A 167 36.51 -5.22 -18.45
C ILE A 167 36.31 -4.17 -17.38
N SER A 168 37.42 -3.60 -16.90
CA SER A 168 37.41 -2.64 -15.79
C SER A 168 38.27 -1.45 -16.16
N LEU A 169 37.63 -0.41 -16.68
CA LEU A 169 38.35 0.82 -17.03
C LEU A 169 38.67 1.60 -15.76
N ASP A 170 39.92 2.05 -15.63
CA ASP A 170 40.34 2.87 -14.50
C ASP A 170 39.98 4.33 -14.75
N VAL A 171 38.68 4.56 -14.90
CA VAL A 171 38.14 5.90 -15.11
C VAL A 171 36.85 6.03 -14.31
N GLY A 172 36.69 7.16 -13.63
CA GLY A 172 35.55 7.34 -12.75
C GLY A 172 35.15 8.79 -12.65
N THR A 173 34.08 9.05 -11.88
CA THR A 173 33.55 10.40 -11.76
C THR A 173 34.45 11.27 -10.88
N ILE A 174 34.92 10.72 -9.76
CA ILE A 174 35.78 11.50 -8.86
C ILE A 174 37.20 11.56 -9.41
N ARG A 175 37.67 10.48 -10.04
CA ARG A 175 39.02 10.47 -10.61
C ARG A 175 39.17 11.55 -11.68
N ILE A 176 38.27 11.54 -12.68
CA ILE A 176 38.35 12.52 -13.76
C ILE A 176 38.15 13.93 -13.23
N LYS A 177 37.36 14.08 -12.16
CA LYS A 177 37.12 15.40 -11.59
C LYS A 177 38.39 15.99 -10.97
N GLU A 178 39.06 15.20 -10.12
CA GLU A 178 40.15 15.75 -9.31
C GLU A 178 41.35 16.21 -10.14
N MET A 179 41.54 15.67 -11.34
CA MET A 179 42.73 15.98 -12.13
C MET A 179 42.45 16.68 -13.44
N PHE A 180 41.19 16.74 -13.90
CA PHE A 180 40.87 17.44 -15.14
C PHE A 180 39.90 18.60 -14.94
N LEU A 181 38.76 18.36 -14.29
CA LEU A 181 37.74 19.40 -14.18
C LEU A 181 38.02 20.39 -13.05
N ASP A 182 38.85 20.01 -12.07
CA ASP A 182 39.26 20.96 -11.04
C ASP A 182 40.23 22.00 -11.58
N LYS A 183 40.89 21.70 -12.71
CA LYS A 183 41.84 22.62 -13.33
C LYS A 183 41.22 23.42 -14.46
N ASP A 184 39.93 23.23 -14.73
CA ASP A 184 39.23 23.93 -15.80
C ASP A 184 39.91 23.72 -17.15
N LEU A 185 40.48 22.54 -17.35
CA LEU A 185 41.06 22.21 -18.64
C LEU A 185 39.96 22.10 -19.70
N ASP A 186 40.39 22.12 -20.96
CA ASP A 186 39.45 22.00 -22.06
C ASP A 186 38.64 20.71 -21.93
N VAL A 187 37.33 20.81 -22.22
CA VAL A 187 36.45 19.66 -22.05
C VAL A 187 36.86 18.52 -22.97
N LYS A 188 37.46 18.84 -24.12
CA LYS A 188 37.96 17.82 -25.02
C LYS A 188 39.31 17.29 -24.58
N LEU A 189 40.00 17.99 -23.67
CA LEU A 189 41.23 17.47 -23.10
C LEU A 189 40.94 16.28 -22.20
N ALA A 190 39.91 16.40 -21.34
CA ALA A 190 39.50 15.27 -20.52
C ALA A 190 38.90 14.16 -21.37
N LYS A 191 38.16 14.53 -22.42
CA LYS A 191 37.56 13.53 -23.31
C LYS A 191 38.61 12.68 -24.00
N ALA A 192 39.87 13.11 -24.00
CA ALA A 192 40.94 12.29 -24.57
C ALA A 192 41.34 11.16 -23.63
N PHE A 193 41.55 11.48 -22.34
CA PHE A 193 41.86 10.45 -21.36
C PHE A 193 40.72 9.44 -21.26
N ILE A 194 39.47 9.92 -21.39
CA ILE A 194 38.34 9.00 -21.44
C ILE A 194 38.50 8.01 -22.58
N GLN A 195 38.69 8.53 -23.80
CA GLN A 195 38.86 7.68 -24.96
C GLN A 195 40.09 6.79 -24.87
N LYS A 196 41.09 7.18 -24.08
CA LYS A 196 42.27 6.34 -23.92
C LYS A 196 41.92 4.96 -23.36
N GLU A 197 40.88 4.88 -22.52
CA GLU A 197 40.46 3.62 -21.93
C GLU A 197 39.14 3.10 -22.48
N VAL A 198 38.31 3.95 -23.11
CA VAL A 198 37.06 3.48 -23.68
C VAL A 198 37.26 2.76 -25.00
N SER A 199 38.35 3.04 -25.71
CA SER A 199 38.58 2.39 -27.01
C SER A 199 38.90 0.91 -26.88
N LYS A 200 39.26 0.43 -25.69
CA LYS A 200 39.61 -0.97 -25.49
C LYS A 200 38.41 -1.84 -25.13
N LEU A 201 37.19 -1.41 -25.49
CA LEU A 201 35.99 -2.21 -25.23
C LEU A 201 35.77 -3.15 -26.41
N PRO A 202 36.02 -4.45 -26.27
CA PRO A 202 35.99 -5.35 -27.42
C PRO A 202 34.61 -5.85 -27.81
N PHE A 203 33.54 -5.33 -27.22
CA PHE A 203 32.18 -5.79 -27.51
C PHE A 203 31.28 -4.61 -27.84
N LYS A 204 30.24 -4.88 -28.61
CA LYS A 204 29.23 -3.88 -28.97
C LYS A 204 27.86 -4.52 -28.87
N HIS A 205 26.87 -3.69 -28.51
CA HIS A 205 25.50 -4.18 -28.39
C HIS A 205 24.55 -2.99 -28.41
N LYS A 206 23.33 -3.23 -28.88
CA LYS A 206 22.33 -2.17 -28.96
C LYS A 206 21.85 -1.73 -27.59
N ASN A 207 21.84 -2.64 -26.62
CA ASN A 207 21.32 -2.37 -25.29
C ASN A 207 22.45 -2.02 -24.33
N ALA A 208 22.10 -1.31 -23.27
CA ALA A 208 23.03 -0.94 -22.21
C ALA A 208 22.29 -0.89 -20.89
N PHE A 209 22.99 -1.22 -19.81
CA PHE A 209 22.41 -1.27 -18.48
C PHE A 209 23.13 -0.24 -17.60
N GLY A 210 22.46 0.87 -17.34
CA GLY A 210 23.05 1.94 -16.54
C GLY A 210 23.05 1.64 -15.06
N VAL A 211 24.25 1.51 -14.48
CA VAL A 211 24.41 1.18 -13.08
C VAL A 211 25.20 2.27 -12.40
N GLY A 212 24.98 2.43 -11.10
CA GLY A 212 25.69 3.43 -10.32
C GLY A 212 24.82 4.65 -10.02
N GLY A 213 25.22 5.38 -8.97
CA GLY A 213 24.47 6.57 -8.60
C GLY A 213 24.59 7.69 -9.60
N THR A 214 25.71 7.73 -10.35
CA THR A 214 25.88 8.76 -11.36
C THR A 214 24.88 8.59 -12.50
N ILE A 215 24.71 7.36 -12.98
CA ILE A 215 23.80 7.13 -14.09
C ILE A 215 22.35 7.24 -13.63
N ARG A 216 22.05 6.80 -12.40
CA ARG A 216 20.70 6.95 -11.87
C ARG A 216 20.35 8.42 -11.65
N ALA A 217 21.32 9.25 -11.27
CA ALA A 217 21.07 10.68 -11.15
C ALA A 217 20.77 11.30 -12.51
N LEU A 218 21.45 10.84 -13.56
CA LEU A 218 21.15 11.32 -14.90
C LEU A 218 19.78 10.85 -15.36
N SER A 219 19.35 9.65 -14.96
CA SER A 219 18.04 9.15 -15.34
C SER A 219 16.92 9.93 -14.66
N LYS A 220 17.15 10.40 -13.42
CA LYS A 220 16.15 11.21 -12.75
C LYS A 220 15.94 12.54 -13.45
N VAL A 221 16.99 13.11 -14.05
CA VAL A 221 16.86 14.36 -14.80
C VAL A 221 15.99 14.14 -16.03
N LEU A 222 16.19 13.02 -16.72
CA LEU A 222 15.40 12.73 -17.92
C LEU A 222 13.93 12.51 -17.58
N MET A 223 13.67 11.72 -16.53
CA MET A 223 12.29 11.48 -16.12
C MET A 223 11.59 12.77 -15.71
N LYS A 224 12.34 13.76 -15.22
CA LYS A 224 11.72 15.00 -14.76
C LYS A 224 11.21 15.83 -15.93
N ARG A 225 12.08 16.11 -16.91
CA ARG A 225 11.68 16.98 -18.01
C ARG A 225 10.65 16.31 -18.92
N PHE A 226 10.78 15.00 -19.13
CA PHE A 226 9.82 14.29 -19.95
C PHE A 226 8.47 14.08 -19.26
N ASP A 227 8.34 14.49 -17.99
CA ASP A 227 7.12 14.34 -17.22
C ASP A 227 6.67 12.88 -17.20
N TYR A 228 7.53 12.04 -16.64
CA TYR A 228 7.24 10.60 -16.60
C TYR A 228 6.26 10.31 -15.47
N PRO A 229 5.15 9.62 -15.76
CA PRO A 229 4.16 9.37 -14.71
C PRO A 229 4.59 8.32 -13.70
N ILE A 230 5.34 7.30 -14.12
CA ILE A 230 5.82 6.27 -13.21
C ILE A 230 7.01 6.83 -12.42
N ASP A 231 6.97 6.67 -11.10
CA ASP A 231 7.92 7.29 -10.20
C ASP A 231 9.05 6.33 -9.79
N SER A 232 9.29 5.29 -10.58
CA SER A 232 10.36 4.35 -10.32
C SER A 232 11.42 4.48 -11.40
N LEU A 233 12.70 4.43 -11.01
CA LEU A 233 13.79 4.53 -11.96
C LEU A 233 14.31 3.18 -12.41
N HIS A 234 14.08 2.12 -11.64
CA HIS A 234 14.56 0.79 -11.99
C HIS A 234 13.81 0.29 -13.23
N GLY A 235 14.51 0.19 -14.35
CA GLY A 235 13.93 -0.25 -15.59
C GLY A 235 13.48 0.84 -16.53
N TYR A 236 13.85 2.09 -16.28
CA TYR A 236 13.43 3.21 -17.12
C TYR A 236 14.21 3.16 -18.43
N GLU A 237 13.51 2.89 -19.53
CA GLU A 237 14.15 2.83 -20.83
C GLU A 237 14.51 4.23 -21.32
N ILE A 238 15.68 4.36 -21.94
CA ILE A 238 16.19 5.63 -22.43
C ILE A 238 16.64 5.45 -23.86
N ASP A 239 16.19 6.33 -24.75
CA ASP A 239 16.62 6.32 -26.14
C ASP A 239 18.03 6.92 -26.20
N ALA A 240 19.00 6.08 -26.56
CA ALA A 240 20.40 6.55 -26.55
C ALA A 240 20.66 7.56 -27.65
N HIS A 241 20.08 7.35 -28.84
CA HIS A 241 20.31 8.28 -29.94
C HIS A 241 19.58 9.60 -29.75
N LYS A 242 18.40 9.56 -29.12
CA LYS A 242 17.60 10.76 -28.94
C LYS A 242 18.13 11.64 -27.81
N ASN A 243 18.76 11.04 -26.80
CA ASN A 243 19.19 11.78 -25.63
C ASN A 243 20.70 11.96 -25.52
N LEU A 244 21.48 11.36 -26.43
CA LEU A 244 22.92 11.53 -26.39
C LEU A 244 23.32 13.00 -26.53
N ALA A 245 22.58 13.76 -27.32
CA ALA A 245 22.89 15.16 -27.53
C ALA A 245 22.80 15.94 -26.22
N PHE A 246 21.73 15.73 -25.45
CA PHE A 246 21.56 16.48 -24.21
C PHE A 246 22.56 16.03 -23.14
N ILE A 247 22.89 14.73 -23.11
CA ILE A 247 23.80 14.22 -22.09
C ILE A 247 25.15 14.92 -22.18
N GLU A 248 25.64 15.13 -23.41
CA GLU A 248 26.91 15.83 -23.58
C GLU A 248 26.84 17.26 -23.06
N LYS A 249 25.65 17.86 -23.07
CA LYS A 249 25.53 19.26 -22.65
C LYS A 249 25.74 19.42 -21.15
N ILE A 250 25.34 18.43 -20.35
CA ILE A 250 25.39 18.55 -18.88
C ILE A 250 26.77 19.00 -18.41
N VAL A 251 27.83 18.57 -19.09
CA VAL A 251 29.19 18.96 -18.70
C VAL A 251 29.36 20.48 -18.76
N MET A 252 28.65 21.14 -19.69
CA MET A 252 28.81 22.58 -19.87
C MET A 252 27.94 23.41 -18.92
N LEU A 253 27.01 22.80 -18.21
CA LEU A 253 26.16 23.55 -17.29
C LEU A 253 26.81 23.63 -15.91
N LYS A 254 26.63 24.79 -15.28
CA LYS A 254 27.22 25.10 -13.95
C LYS A 254 26.33 24.58 -12.83
N GLU A 255 26.61 25.01 -11.60
CA GLU A 255 25.88 24.54 -10.43
C GLU A 255 24.40 24.92 -10.49
N ASP A 256 24.12 26.21 -10.75
CA ASP A 256 22.73 26.68 -10.72
C ASP A 256 21.87 25.92 -11.71
N GLN A 257 22.33 25.80 -12.96
CA GLN A 257 21.53 25.16 -13.99
C GLN A 257 21.27 23.69 -13.66
N LEU A 258 22.21 23.03 -12.97
CA LEU A 258 21.99 21.65 -12.55
C LEU A 258 20.93 21.56 -11.45
N ARG A 259 20.84 22.58 -10.60
CA ARG A 259 19.81 22.58 -9.56
C ARG A 259 18.42 22.57 -10.17
N LEU A 260 18.19 23.36 -11.21
CA LEU A 260 16.87 23.42 -11.84
C LEU A 260 16.50 22.09 -12.47
N LEU A 261 17.48 21.34 -12.95
CA LEU A 261 17.23 20.04 -13.59
C LEU A 261 16.97 18.92 -12.59
N GLY A 262 16.98 19.22 -11.28
CA GLY A 262 16.65 18.24 -10.29
C GLY A 262 17.80 17.41 -9.76
N VAL A 263 19.03 17.90 -9.89
CA VAL A 263 20.20 17.17 -9.40
C VAL A 263 20.33 17.37 -7.90
N ASN A 264 20.59 16.29 -7.18
CA ASN A 264 20.73 16.37 -5.73
C ASN A 264 22.03 17.07 -5.40
N GLU A 265 21.99 17.96 -4.41
CA GLU A 265 23.15 18.78 -4.10
C GLU A 265 24.40 17.94 -4.00
N GLU A 266 24.30 16.83 -3.28
CA GLU A 266 25.48 16.01 -3.06
C GLU A 266 26.00 15.29 -4.29
N ARG A 267 25.35 15.50 -5.43
CA ARG A 267 25.81 14.86 -6.66
C ARG A 267 26.12 15.91 -7.70
N LEU A 268 26.53 17.07 -7.21
CA LEU A 268 26.79 18.23 -8.06
C LEU A 268 28.21 18.28 -8.60
N ASP A 269 29.21 18.02 -7.76
CA ASP A 269 30.59 18.07 -8.22
C ASP A 269 30.99 16.86 -9.05
N SER A 270 30.17 15.79 -9.03
CA SER A 270 30.51 14.57 -9.75
C SER A 270 29.60 14.27 -10.93
N ILE A 271 28.47 14.96 -11.06
CA ILE A 271 27.50 14.61 -12.09
C ILE A 271 28.04 14.97 -13.48
N ARG A 272 28.62 16.17 -13.62
CA ARG A 272 29.06 16.60 -14.94
C ARG A 272 30.32 15.87 -15.39
N SER A 273 31.17 15.45 -14.44
CA SER A 273 32.30 14.62 -14.81
C SER A 273 31.85 13.22 -15.24
N GLY A 274 30.84 12.68 -14.56
CA GLY A 274 30.33 11.37 -14.93
C GLY A 274 29.45 11.41 -16.16
N ALA A 275 28.85 12.56 -16.44
CA ALA A 275 28.04 12.70 -17.64
C ALA A 275 28.91 12.67 -18.89
N LEU A 276 30.15 13.15 -18.80
CA LEU A 276 31.07 13.04 -19.92
C LEU A 276 31.44 11.58 -20.19
N ILE A 277 31.66 10.81 -19.11
CA ILE A 277 32.07 9.41 -19.28
C ILE A 277 30.98 8.60 -19.96
N LEU A 278 29.71 8.90 -19.66
CA LEU A 278 28.63 8.14 -20.27
C LEU A 278 28.49 8.42 -21.76
N SER A 279 28.64 9.69 -22.15
CA SER A 279 28.46 10.05 -23.56
C SER A 279 29.51 9.38 -24.45
N VAL A 280 30.66 9.04 -23.89
CA VAL A 280 31.70 8.39 -24.68
C VAL A 280 31.41 6.90 -24.83
N VAL A 281 30.94 6.26 -23.76
CA VAL A 281 30.69 4.82 -23.81
C VAL A 281 29.53 4.50 -24.75
N LEU A 282 28.46 5.29 -24.70
CA LEU A 282 27.30 5.02 -25.53
C LEU A 282 27.64 5.12 -27.01
N GLU A 283 28.35 6.18 -27.40
CA GLU A 283 28.73 6.33 -28.80
C GLU A 283 29.73 5.28 -29.24
N HIS A 284 30.60 4.83 -28.32
CA HIS A 284 31.51 3.74 -28.64
C HIS A 284 30.75 2.44 -28.87
N LEU A 285 29.88 2.07 -27.93
CA LEU A 285 29.10 0.84 -28.07
C LEU A 285 28.01 0.94 -29.13
N LYS A 286 27.73 2.17 -29.57
CA LYS A 286 26.68 2.42 -30.60
C LYS A 286 25.33 1.91 -30.06
N THR A 287 25.11 2.02 -28.75
CA THR A 287 23.86 1.61 -28.14
C THR A 287 22.70 2.46 -28.64
N SER A 288 21.53 1.83 -28.74
CA SER A 288 20.30 2.50 -29.11
C SER A 288 19.26 2.52 -28.01
N LEU A 289 19.50 1.84 -26.88
CA LEU A 289 18.53 1.77 -25.81
C LEU A 289 19.27 1.45 -24.52
N MET A 290 19.33 2.41 -23.61
CA MET A 290 19.88 2.19 -22.28
C MET A 290 18.74 1.98 -21.30
N ILE A 291 18.96 1.10 -20.32
CA ILE A 291 17.95 0.76 -19.33
C ILE A 291 18.53 1.07 -17.96
N THR A 292 17.93 2.04 -17.27
CA THR A 292 18.37 2.37 -15.91
C THR A 292 18.24 1.15 -15.01
N SER A 293 19.21 0.98 -14.11
CA SER A 293 19.23 -0.15 -13.19
C SER A 293 19.32 0.36 -11.77
N GLY A 294 18.41 -0.09 -10.92
CA GLY A 294 18.45 0.26 -9.51
C GLY A 294 19.32 -0.68 -8.73
N VAL A 295 19.62 -1.84 -9.30
CA VAL A 295 20.45 -2.85 -8.67
C VAL A 295 21.87 -2.71 -9.19
N GLY A 296 22.84 -3.04 -8.34
CA GLY A 296 24.25 -2.86 -8.67
C GLY A 296 25.12 -3.88 -7.97
N VAL A 297 26.23 -3.41 -7.41
CA VAL A 297 27.19 -4.31 -6.77
C VAL A 297 26.56 -4.98 -5.55
N ARG A 298 25.80 -4.22 -4.76
CA ARG A 298 25.18 -4.77 -3.55
C ARG A 298 24.30 -5.97 -3.88
N GLU A 299 23.44 -5.82 -4.90
CA GLU A 299 22.56 -6.92 -5.28
C GLU A 299 23.33 -8.06 -5.93
N GLY A 300 24.44 -7.77 -6.61
CA GLY A 300 25.23 -8.83 -7.21
C GLY A 300 25.88 -9.73 -6.18
N VAL A 301 26.33 -9.16 -5.06
CA VAL A 301 26.93 -9.97 -4.01
C VAL A 301 25.89 -10.92 -3.41
N PHE A 302 24.68 -10.42 -3.19
CA PHE A 302 23.63 -11.26 -2.60
C PHE A 302 23.19 -12.36 -3.56
N LEU A 303 23.02 -12.01 -4.84
CA LEU A 303 22.55 -13.00 -5.81
C LEU A 303 23.56 -14.11 -6.03
N SER A 304 24.86 -13.80 -5.93
CA SER A 304 25.88 -14.84 -6.10
C SER A 304 25.79 -15.89 -5.00
N ASP A 305 25.36 -15.50 -3.80
CA ASP A 305 25.18 -16.45 -2.72
C ASP A 305 23.88 -17.24 -2.87
N LEU A 306 22.77 -16.52 -3.08
CA LEU A 306 21.48 -17.19 -3.21
C LEU A 306 21.43 -18.12 -4.40
N LEU A 307 22.17 -17.82 -5.46
CA LEU A 307 22.19 -18.62 -6.68
C LEU A 307 23.52 -19.35 -6.86
N ARG A 308 24.14 -19.77 -5.76
CA ARG A 308 25.41 -20.47 -5.87
C ARG A 308 25.23 -21.87 -6.45
N ASN A 309 24.10 -22.51 -6.17
CA ASN A 309 23.81 -23.85 -6.68
C ASN A 309 23.04 -23.83 -7.98
N HIS A 310 22.81 -22.64 -8.57
CA HIS A 310 22.02 -22.52 -9.78
C HIS A 310 22.74 -21.74 -10.87
N TYR A 311 24.07 -21.67 -10.80
CA TYR A 311 24.90 -21.07 -11.85
C TYR A 311 24.60 -19.58 -12.01
N HIS A 312 24.26 -18.90 -10.91
CA HIS A 312 24.01 -17.46 -10.91
C HIS A 312 22.90 -17.09 -11.90
N LYS A 313 21.80 -17.84 -11.84
CA LYS A 313 20.67 -17.58 -12.72
C LYS A 313 19.42 -18.19 -12.11
N PHE A 314 18.32 -17.44 -12.16
CA PHE A 314 17.04 -17.98 -11.73
C PHE A 314 16.51 -18.99 -12.76
N PRO A 315 15.84 -20.04 -12.32
CA PRO A 315 15.27 -21.01 -13.26
C PRO A 315 14.23 -20.36 -14.15
N PRO A 316 13.77 -21.06 -15.19
CA PRO A 316 12.76 -20.48 -16.08
C PRO A 316 11.47 -20.16 -15.35
N ASN A 317 10.85 -19.05 -15.74
CA ASN A 317 9.58 -18.59 -15.17
C ASN A 317 9.69 -18.33 -13.67
N ILE A 318 10.88 -17.96 -13.21
CA ILE A 318 11.13 -17.70 -11.79
C ILE A 318 11.51 -16.23 -11.66
N ASN A 319 10.58 -15.42 -11.14
CA ASN A 319 10.82 -14.01 -10.93
C ASN A 319 10.99 -13.75 -9.44
N PRO A 320 12.09 -13.17 -8.99
CA PRO A 320 12.27 -12.96 -7.55
C PRO A 320 11.33 -11.93 -6.97
N SER A 321 10.93 -10.92 -7.75
CA SER A 321 10.02 -9.90 -7.22
C SER A 321 8.62 -10.47 -7.06
N LEU A 322 8.13 -11.19 -8.07
CA LEU A 322 6.80 -11.78 -7.98
C LEU A 322 6.72 -12.82 -6.85
N ILE A 323 7.76 -13.65 -6.72
CA ILE A 323 7.77 -14.66 -5.66
C ILE A 323 7.83 -14.00 -4.30
N SER A 324 8.75 -13.05 -4.11
CA SER A 324 8.88 -12.38 -2.82
C SER A 324 7.63 -11.56 -2.49
N LEU A 325 6.93 -11.05 -3.50
CA LEU A 325 5.73 -10.27 -3.25
C LEU A 325 4.60 -11.15 -2.75
N LYS A 326 4.52 -12.40 -3.23
CA LYS A 326 3.50 -13.32 -2.75
C LYS A 326 3.78 -13.77 -1.33
N ASP A 327 5.02 -14.17 -1.04
CA ASP A 327 5.36 -14.68 0.28
C ASP A 327 5.09 -13.66 1.37
N ARG A 328 5.19 -12.37 1.05
CA ARG A 328 4.95 -11.32 2.04
C ARG A 328 3.47 -11.15 2.34
N PHE A 329 2.64 -11.03 1.30
CA PHE A 329 1.26 -10.62 1.47
C PHE A 329 0.23 -11.72 1.21
N LEU A 330 0.65 -12.88 0.69
CA LEU A 330 -0.28 -13.99 0.53
C LEU A 330 0.46 -15.33 0.43
N PRO A 331 0.96 -15.85 1.55
CA PRO A 331 1.62 -17.17 1.52
C PRO A 331 0.66 -18.33 1.25
N HIS A 332 -0.64 -18.08 1.14
CA HIS A 332 -1.64 -19.08 0.83
C HIS A 332 -2.32 -18.66 -0.46
N GLU A 333 -1.75 -19.05 -1.59
CA GLU A 333 -2.22 -18.63 -2.90
C GLU A 333 -3.06 -19.68 -3.60
N LYS A 334 -3.54 -20.69 -2.86
CA LYS A 334 -4.45 -21.68 -3.45
C LYS A 334 -5.70 -21.02 -4.01
N HIS A 335 -6.07 -19.85 -3.51
CA HIS A 335 -7.23 -19.13 -4.01
C HIS A 335 -6.88 -18.34 -5.27
N SER A 336 -5.75 -17.62 -5.25
CA SER A 336 -5.34 -16.79 -6.37
C SER A 336 -4.74 -17.60 -7.52
N GLN A 337 -4.34 -18.85 -7.24
CA GLN A 337 -3.72 -19.72 -8.28
C GLN A 337 -4.79 -20.21 -9.25
N LYS A 338 -6.02 -20.42 -8.77
CA LYS A 338 -7.12 -20.84 -9.65
C LYS A 338 -7.68 -19.66 -10.44
N VAL A 339 -7.62 -18.45 -9.87
CA VAL A 339 -8.06 -17.27 -10.61
C VAL A 339 -7.24 -17.07 -11.87
N LYS A 340 -5.96 -17.44 -11.82
CA LYS A 340 -5.12 -17.35 -13.01
C LYS A 340 -5.48 -18.42 -14.03
N LYS A 341 -5.61 -19.67 -13.57
CA LYS A 341 -5.84 -20.79 -14.49
C LYS A 341 -7.13 -20.61 -15.29
N GLU A 342 -8.11 -19.91 -14.72
CA GLU A 342 -9.34 -19.63 -15.46
C GLU A 342 -9.20 -18.48 -16.44
N CYS A 343 -8.20 -17.61 -16.24
CA CYS A 343 -7.99 -16.53 -17.21
C CYS A 343 -7.43 -17.06 -18.52
N VAL A 344 -6.55 -18.04 -18.46
CA VAL A 344 -5.95 -18.59 -19.69
C VAL A 344 -7.02 -19.23 -20.55
N LYS A 345 -7.87 -20.06 -19.95
CA LYS A 345 -8.95 -20.71 -20.69
C LYS A 345 -9.96 -19.69 -21.20
N LEU A 346 -10.31 -18.71 -20.37
CA LEU A 346 -11.28 -17.71 -20.77
C LEU A 346 -10.77 -16.84 -21.90
N PHE A 347 -9.45 -16.71 -22.04
CA PHE A 347 -8.89 -15.87 -23.09
C PHE A 347 -9.05 -16.52 -24.46
N GLU A 348 -8.54 -17.74 -24.62
CA GLU A 348 -8.67 -18.43 -25.89
C GLU A 348 -10.13 -18.72 -26.22
N ALA A 349 -10.97 -18.87 -25.21
CA ALA A 349 -12.40 -19.03 -25.42
C ALA A 349 -13.11 -17.74 -25.81
N LEU A 350 -12.34 -16.70 -26.13
CA LEU A 350 -12.91 -15.45 -26.63
C LEU A 350 -12.06 -14.84 -27.75
N SER A 351 -11.06 -15.57 -28.24
CA SER A 351 -10.13 -15.00 -29.23
C SER A 351 -10.80 -14.47 -30.50
N PRO A 352 -11.88 -15.06 -31.02
CA PRO A 352 -12.52 -14.44 -32.20
C PRO A 352 -13.02 -13.02 -31.96
N LEU A 353 -13.54 -12.73 -30.77
CA LEU A 353 -14.14 -11.42 -30.54
C LEU A 353 -13.10 -10.34 -30.31
N HIS A 354 -12.00 -10.66 -29.64
CA HIS A 354 -10.99 -9.65 -29.31
C HIS A 354 -9.75 -9.73 -30.19
N LYS A 355 -9.36 -10.92 -30.63
CA LYS A 355 -8.23 -11.11 -31.53
C LYS A 355 -6.96 -10.45 -30.97
N ILE A 356 -6.71 -10.69 -29.70
CA ILE A 356 -5.61 -10.05 -28.98
C ILE A 356 -4.35 -10.89 -29.11
N ASP A 357 -3.21 -10.22 -29.24
CA ASP A 357 -1.92 -10.89 -29.31
C ASP A 357 -1.73 -11.83 -28.12
N GLU A 358 -1.21 -13.02 -28.40
CA GLU A 358 -1.03 -14.05 -27.37
C GLU A 358 0.12 -13.74 -26.41
N LYS A 359 0.82 -12.62 -26.59
CA LYS A 359 1.88 -12.26 -25.67
C LYS A 359 1.36 -11.61 -24.40
N TYR A 360 0.13 -11.08 -24.43
CA TYR A 360 -0.44 -10.39 -23.28
C TYR A 360 -0.98 -11.33 -22.22
N LEU A 361 -0.89 -12.66 -22.44
CA LEU A 361 -1.22 -13.59 -21.37
C LEU A 361 -0.29 -13.43 -20.19
N PHE A 362 1.00 -13.15 -20.45
CA PHE A 362 1.95 -12.90 -19.39
C PHE A 362 1.45 -11.83 -18.43
N HIS A 363 0.90 -10.74 -18.97
CA HIS A 363 0.36 -9.68 -18.12
C HIS A 363 -0.95 -10.11 -17.47
N LEU A 364 -1.80 -10.83 -18.21
CA LEU A 364 -3.08 -11.25 -17.67
C LEU A 364 -2.92 -12.35 -16.64
N LYS A 365 -1.89 -13.20 -16.77
CA LYS A 365 -1.67 -14.28 -15.82
C LYS A 365 -1.12 -13.77 -14.49
N ILE A 366 -0.11 -12.89 -14.55
CA ILE A 366 0.43 -12.32 -13.32
C ILE A 366 -0.61 -11.44 -12.65
N ALA A 367 -1.49 -10.80 -13.43
CA ALA A 367 -2.55 -9.98 -12.84
C ALA A 367 -3.50 -10.84 -12.02
N GLY A 368 -3.93 -11.98 -12.58
CA GLY A 368 -4.85 -12.85 -11.87
C GLY A 368 -4.28 -13.43 -10.58
N GLU A 369 -2.96 -13.51 -10.47
CA GLU A 369 -2.34 -13.99 -9.24
C GLU A 369 -2.33 -12.92 -8.16
N LEU A 370 -2.19 -11.65 -8.54
CA LEU A 370 -2.01 -10.56 -7.59
C LEU A 370 -3.19 -9.59 -7.55
N ALA A 371 -4.28 -9.90 -8.26
CA ALA A 371 -5.42 -8.99 -8.27
C ALA A 371 -6.07 -8.88 -6.89
N SER A 372 -6.03 -9.95 -6.11
CA SER A 372 -6.59 -9.97 -4.77
C SER A 372 -5.54 -9.76 -3.69
N MET A 373 -4.33 -9.33 -4.06
CA MET A 373 -3.26 -9.15 -3.09
C MET A 373 -3.57 -8.02 -2.11
N GLY A 374 -4.30 -7.01 -2.54
CA GLY A 374 -4.59 -5.85 -1.70
C GLY A 374 -5.44 -6.14 -0.48
N LYS A 375 -6.05 -7.32 -0.40
CA LYS A 375 -6.91 -7.64 0.74
C LYS A 375 -6.13 -7.64 2.05
N ILE A 376 -4.80 -7.82 2.00
CA ILE A 376 -4.01 -7.81 3.22
C ILE A 376 -3.99 -6.44 3.88
N LEU A 377 -4.30 -5.38 3.12
CA LEU A 377 -4.39 -4.04 3.68
C LEU A 377 -5.80 -3.70 4.12
N SER A 378 -6.79 -3.95 3.24
CA SER A 378 -8.19 -3.71 3.53
C SER A 378 -9.03 -4.38 2.46
N VAL A 379 -10.15 -4.97 2.87
CA VAL A 379 -11.04 -5.60 1.90
C VAL A 379 -11.82 -4.58 1.09
N TYR A 380 -11.97 -3.37 1.62
CA TYR A 380 -12.64 -2.30 0.90
C TYR A 380 -11.63 -1.60 0.00
N LEU A 381 -11.95 -1.52 -1.28
CA LEU A 381 -11.03 -1.01 -2.31
C LEU A 381 -9.78 -1.88 -2.39
N ALA A 382 -9.97 -3.20 -2.31
CA ALA A 382 -8.84 -4.11 -2.33
C ALA A 382 -8.14 -4.11 -3.67
N HIS A 383 -8.89 -4.01 -4.77
CA HIS A 383 -8.27 -3.95 -6.09
C HIS A 383 -7.49 -2.66 -6.28
N LYS A 384 -7.95 -1.56 -5.67
CA LYS A 384 -7.16 -0.34 -5.68
C LYS A 384 -5.86 -0.52 -4.91
N HIS A 385 -5.91 -1.26 -3.80
CA HIS A 385 -4.70 -1.52 -3.02
C HIS A 385 -3.74 -2.43 -3.77
N SER A 386 -4.27 -3.40 -4.51
CA SER A 386 -3.41 -4.28 -5.30
C SER A 386 -2.63 -3.50 -6.34
N ALA A 387 -3.33 -2.63 -7.09
CA ALA A 387 -2.65 -1.83 -8.12
C ALA A 387 -1.56 -0.96 -7.52
N TYR A 388 -1.79 -0.43 -6.31
CA TYR A 388 -0.75 0.34 -5.65
C TYR A 388 0.46 -0.54 -5.34
N PHE A 389 0.21 -1.76 -4.85
CA PHE A 389 1.31 -2.67 -4.57
C PHE A 389 2.06 -3.05 -5.84
N ILE A 390 1.33 -3.28 -6.93
CA ILE A 390 1.96 -3.67 -8.20
C ILE A 390 2.87 -2.56 -8.70
N LEU A 391 2.32 -1.36 -8.86
CA LEU A 391 3.04 -0.25 -9.47
C LEU A 391 4.27 0.16 -8.66
N ASN A 392 4.36 -0.23 -7.40
CA ASN A 392 5.43 0.23 -6.52
C ASN A 392 6.38 -0.87 -6.05
N ALA A 393 6.07 -2.15 -6.29
CA ALA A 393 6.90 -3.21 -5.74
C ALA A 393 7.31 -4.24 -6.79
N LEU A 394 6.49 -4.42 -7.83
CA LEU A 394 6.76 -5.41 -8.86
C LEU A 394 7.85 -4.87 -9.79
N SER A 395 9.08 -4.87 -9.26
CA SER A 395 10.20 -4.20 -9.92
C SER A 395 11.10 -5.15 -10.69
N TYR A 396 11.65 -6.16 -10.03
CA TYR A 396 12.67 -7.00 -10.62
C TYR A 396 12.10 -7.81 -11.79
N GLY A 397 12.70 -7.67 -12.96
CA GLY A 397 12.33 -8.43 -14.14
C GLY A 397 11.16 -7.88 -14.92
N PHE A 398 10.58 -6.75 -14.52
CA PHE A 398 9.43 -6.17 -15.19
C PHE A 398 9.78 -4.79 -15.72
N SER A 399 9.43 -4.53 -16.97
CA SER A 399 9.55 -3.18 -17.51
C SER A 399 8.40 -2.32 -16.99
N HIS A 400 8.56 -1.00 -17.12
CA HIS A 400 7.51 -0.09 -16.70
C HIS A 400 6.22 -0.33 -17.48
N GLN A 401 6.34 -0.79 -18.72
CA GLN A 401 5.14 -1.10 -19.50
C GLN A 401 4.44 -2.35 -18.95
N ASP A 402 5.21 -3.35 -18.52
CA ASP A 402 4.61 -4.54 -17.92
C ASP A 402 3.86 -4.19 -16.65
N ARG A 403 4.49 -3.38 -15.78
CA ARG A 403 3.84 -2.99 -14.53
C ARG A 403 2.61 -2.13 -14.79
N ALA A 404 2.70 -1.20 -15.74
CA ALA A 404 1.57 -0.33 -16.05
C ALA A 404 0.36 -1.14 -16.51
N ILE A 405 0.58 -2.14 -17.36
CA ILE A 405 -0.51 -2.99 -17.81
C ILE A 405 -1.10 -3.77 -16.65
N ILE A 406 -0.25 -4.44 -15.88
CA ILE A 406 -0.71 -5.24 -14.75
C ILE A 406 -1.40 -4.36 -13.71
N CYS A 407 -0.89 -3.15 -13.52
CA CYS A 407 -1.52 -2.22 -12.57
C CYS A 407 -2.93 -1.86 -13.02
N LEU A 408 -3.11 -1.57 -14.31
CA LEU A 408 -4.43 -1.16 -14.80
C LEU A 408 -5.42 -2.32 -14.79
N LEU A 409 -4.95 -3.54 -15.04
CA LEU A 409 -5.84 -4.69 -15.03
C LEU A 409 -6.47 -4.89 -13.66
N ALA A 410 -5.68 -4.77 -12.60
CA ALA A 410 -6.19 -4.98 -11.26
C ALA A 410 -6.98 -3.78 -10.76
N GLN A 411 -6.51 -2.57 -11.04
CA GLN A 411 -7.16 -1.38 -10.50
C GLN A 411 -8.59 -1.24 -10.99
N PHE A 412 -8.80 -1.45 -12.30
CA PHE A 412 -10.10 -1.24 -12.93
C PHE A 412 -10.87 -2.53 -13.11
N SER A 413 -10.74 -3.45 -12.16
CA SER A 413 -11.56 -4.66 -12.18
C SER A 413 -13.01 -4.29 -11.87
N HIS A 414 -13.93 -4.91 -12.61
CA HIS A 414 -15.37 -4.62 -12.51
C HIS A 414 -15.68 -3.15 -12.77
N LYS A 415 -14.81 -2.45 -13.48
CA LYS A 415 -15.00 -1.03 -13.78
C LYS A 415 -14.53 -0.75 -15.19
N LYS A 416 -14.83 0.45 -15.67
CA LYS A 416 -14.41 0.89 -16.98
C LYS A 416 -13.24 1.86 -16.87
N ILE A 417 -12.32 1.78 -17.83
CA ILE A 417 -11.09 2.59 -17.82
C ILE A 417 -11.35 3.90 -18.56
N PRO A 418 -11.07 5.04 -17.95
CA PRO A 418 -11.26 6.32 -18.64
C PRO A 418 -10.31 6.46 -19.82
N LYS A 419 -10.67 7.38 -20.72
CA LYS A 419 -9.87 7.61 -21.92
C LYS A 419 -8.63 8.43 -21.64
N ASP A 420 -8.59 9.17 -20.53
CA ASP A 420 -7.48 10.07 -20.22
C ASP A 420 -6.58 9.53 -19.11
N ASN A 421 -6.53 8.21 -18.95
CA ASN A 421 -5.69 7.62 -17.92
C ASN A 421 -4.23 7.90 -18.21
N ALA A 422 -3.54 8.49 -17.23
CA ALA A 422 -2.14 8.85 -17.42
C ALA A 422 -1.26 7.62 -17.58
N ILE A 423 -1.51 6.59 -16.78
CA ILE A 423 -0.69 5.38 -16.85
C ILE A 423 -0.97 4.60 -18.12
N ALA A 424 -2.18 4.72 -18.67
CA ALA A 424 -2.50 4.05 -19.92
C ALA A 424 -1.88 4.73 -21.14
N HIS A 425 -1.58 6.02 -21.05
CA HIS A 425 -0.99 6.78 -22.15
C HIS A 425 0.45 7.17 -21.87
N MET A 426 1.15 6.40 -21.03
CA MET A 426 2.53 6.71 -20.68
C MET A 426 3.53 6.23 -21.72
N SER A 427 3.07 5.56 -22.77
CA SER A 427 3.96 5.04 -23.81
C SER A 427 3.15 4.83 -25.08
N ALA A 428 3.87 4.85 -26.21
CA ALA A 428 3.24 4.63 -27.51
C ALA A 428 3.07 3.16 -27.84
N MET A 429 3.71 2.26 -27.09
CA MET A 429 3.60 0.82 -27.33
C MET A 429 2.54 0.17 -26.45
N MET A 430 1.86 0.94 -25.60
CA MET A 430 0.80 0.39 -24.77
C MET A 430 -0.34 -0.11 -25.65
N PRO A 431 -1.05 -1.17 -25.22
CA PRO A 431 -2.21 -1.63 -25.98
C PRO A 431 -3.35 -0.61 -25.91
N SER A 432 -4.32 -0.80 -26.81
CA SER A 432 -5.46 0.09 -26.85
C SER A 432 -6.38 -0.16 -25.65
N LEU A 433 -7.21 0.84 -25.34
CA LEU A 433 -8.15 0.70 -24.23
C LEU A 433 -9.12 -0.45 -24.48
N LEU A 434 -9.51 -0.66 -25.72
CA LEU A 434 -10.37 -1.80 -26.04
C LEU A 434 -9.68 -3.12 -25.72
N THR A 435 -8.37 -3.19 -25.90
CA THR A 435 -7.61 -4.37 -25.48
C THR A 435 -7.52 -4.44 -23.96
N LEU A 436 -7.31 -3.31 -23.30
CA LEU A 436 -7.22 -3.31 -21.84
C LEU A 436 -8.56 -3.65 -21.20
N GLN A 437 -9.67 -3.15 -21.77
CA GLN A 437 -10.98 -3.50 -21.25
C GLN A 437 -11.25 -4.99 -21.37
N TRP A 438 -10.78 -5.61 -22.46
CA TRP A 438 -10.97 -7.04 -22.65
C TRP A 438 -10.23 -7.83 -21.57
N LEU A 439 -8.96 -7.50 -21.33
CA LEU A 439 -8.19 -8.21 -20.31
C LEU A 439 -8.80 -7.98 -18.92
N SER A 440 -9.16 -6.74 -18.61
CA SER A 440 -9.81 -6.46 -17.33
C SER A 440 -11.15 -7.16 -17.23
N PHE A 441 -11.86 -7.31 -18.36
CA PHE A 441 -13.13 -8.03 -18.35
C PHE A 441 -12.91 -9.51 -18.04
N ILE A 442 -11.93 -10.12 -18.70
CA ILE A 442 -11.64 -11.54 -18.45
C ILE A 442 -11.28 -11.76 -16.99
N LEU A 443 -10.44 -10.89 -16.43
CA LEU A 443 -10.07 -11.01 -15.02
C LEU A 443 -11.28 -10.82 -14.12
N SER A 444 -12.15 -9.86 -14.46
CA SER A 444 -13.35 -9.65 -13.66
C SER A 444 -14.26 -10.87 -13.70
N LEU A 445 -14.42 -11.48 -14.87
CA LEU A 445 -15.25 -12.67 -14.98
C LEU A 445 -14.60 -13.86 -14.29
N ALA A 446 -13.28 -13.99 -14.39
CA ALA A 446 -12.58 -15.10 -13.75
C ALA A 446 -12.67 -15.00 -12.24
N GLU A 447 -12.63 -13.79 -11.69
CA GLU A 447 -12.77 -13.61 -10.24
C GLU A 447 -14.16 -13.99 -9.77
N ASN A 448 -15.18 -13.79 -10.60
CA ASN A 448 -16.53 -14.17 -10.23
C ASN A 448 -16.71 -15.69 -10.24
N LEU A 449 -16.07 -16.36 -11.20
CA LEU A 449 -16.18 -17.81 -11.30
C LEU A 449 -15.30 -18.55 -10.30
N CYS A 450 -14.32 -17.87 -9.70
CA CYS A 450 -13.44 -18.47 -8.73
C CYS A 450 -13.74 -18.04 -7.29
N LEU A 451 -14.77 -17.24 -7.09
CA LEU A 451 -15.11 -16.77 -5.74
C LEU A 451 -15.42 -17.96 -4.82
N THR A 452 -16.46 -18.72 -5.15
CA THR A 452 -16.74 -19.93 -4.42
C THR A 452 -15.72 -21.01 -4.76
N ASP A 453 -15.76 -22.12 -4.01
CA ASP A 453 -14.85 -23.23 -4.23
C ASP A 453 -15.35 -24.11 -5.38
N SER A 454 -15.52 -23.46 -6.54
CA SER A 454 -15.95 -24.16 -7.75
C SER A 454 -14.85 -25.09 -8.25
N HIS A 455 -15.17 -25.88 -9.26
CA HIS A 455 -14.27 -26.93 -9.71
C HIS A 455 -14.58 -27.33 -11.14
N HIS A 456 -13.56 -27.37 -11.98
CA HIS A 456 -13.59 -27.99 -13.31
C HIS A 456 -14.69 -27.37 -14.19
N LEU A 457 -14.47 -26.09 -14.50
CA LEU A 457 -15.35 -25.38 -15.41
C LEU A 457 -14.87 -25.51 -16.85
N LYS A 458 -15.78 -25.25 -17.78
CA LYS A 458 -15.47 -25.28 -19.20
C LYS A 458 -16.36 -24.29 -19.93
N TYR A 459 -15.78 -23.48 -20.80
CA TYR A 459 -16.48 -22.41 -21.48
C TYR A 459 -16.64 -22.73 -22.97
N THR A 460 -17.46 -21.92 -23.63
CA THR A 460 -17.64 -22.00 -25.09
C THR A 460 -18.25 -20.70 -25.56
N LEU A 461 -17.91 -20.33 -26.79
CA LEU A 461 -18.39 -19.08 -27.38
C LEU A 461 -19.28 -19.36 -28.58
N GLU A 462 -20.24 -18.47 -28.78
CA GLU A 462 -20.96 -18.31 -30.03
C GLU A 462 -20.69 -16.89 -30.52
N LYS A 463 -21.43 -16.47 -31.56
CA LYS A 463 -21.28 -15.14 -32.13
C LYS A 463 -21.12 -14.08 -31.04
N ASN A 464 -22.12 -13.97 -30.17
CA ASN A 464 -22.05 -13.10 -29.00
C ASN A 464 -22.31 -13.83 -27.70
N LYS A 465 -22.82 -15.06 -27.74
CA LYS A 465 -23.12 -15.82 -26.53
C LYS A 465 -21.86 -16.46 -25.98
N LEU A 466 -21.63 -16.26 -24.68
CA LEU A 466 -20.58 -16.98 -23.95
C LEU A 466 -21.28 -17.84 -22.90
N VAL A 467 -21.24 -19.14 -23.10
CA VAL A 467 -21.93 -20.10 -22.25
C VAL A 467 -20.91 -20.80 -21.37
N ILE A 468 -21.18 -20.86 -20.07
CA ILE A 468 -20.26 -21.41 -19.08
C ILE A 468 -20.83 -22.74 -18.60
N HIS A 469 -20.12 -23.83 -18.89
CA HIS A 469 -20.55 -25.16 -18.48
C HIS A 469 -19.86 -25.54 -17.17
N SER A 470 -20.66 -25.98 -16.20
CA SER A 470 -20.13 -26.40 -14.90
C SER A 470 -21.22 -27.14 -14.15
N ASN A 471 -20.80 -28.07 -13.29
CA ASN A 471 -21.71 -28.81 -12.44
C ASN A 471 -21.98 -28.11 -11.12
N ASP A 472 -21.67 -26.82 -11.02
CA ASP A 472 -21.86 -26.03 -9.82
C ASP A 472 -23.06 -25.11 -9.98
N ALA A 473 -23.58 -24.65 -8.84
CA ALA A 473 -24.74 -23.77 -8.86
C ALA A 473 -24.36 -22.38 -9.35
N LEU A 474 -23.26 -21.83 -8.83
CA LEU A 474 -22.79 -20.50 -9.21
C LEU A 474 -23.87 -19.44 -8.99
N TYR A 475 -24.52 -19.53 -7.82
CA TYR A 475 -25.59 -18.59 -7.50
C TYR A 475 -25.06 -17.18 -7.33
N LEU A 476 -23.99 -17.02 -6.55
CA LEU A 476 -23.43 -15.69 -6.33
C LEU A 476 -22.81 -15.13 -7.60
N ALA A 477 -22.16 -15.98 -8.40
CA ALA A 477 -21.56 -15.51 -9.65
C ALA A 477 -22.58 -14.95 -10.61
N LYS A 478 -23.85 -15.36 -10.49
CA LYS A 478 -24.91 -14.83 -11.34
C LYS A 478 -25.52 -13.56 -10.77
N GLU A 479 -25.55 -13.41 -9.44
CA GLU A 479 -26.15 -12.23 -8.85
C GLU A 479 -25.35 -10.97 -9.16
N MET A 480 -24.02 -11.07 -9.20
CA MET A 480 -23.15 -9.94 -9.47
C MET A 480 -22.75 -9.84 -10.94
N LEU A 481 -23.46 -10.52 -11.82
CA LEU A 481 -23.19 -10.46 -13.25
C LEU A 481 -23.58 -9.11 -13.86
N PRO A 482 -24.68 -8.49 -13.45
CA PRO A 482 -24.96 -7.14 -13.96
C PRO A 482 -23.90 -6.12 -13.60
N LYS A 483 -23.22 -6.27 -12.46
CA LYS A 483 -22.15 -5.35 -12.07
C LYS A 483 -20.85 -5.73 -12.77
N LEU A 484 -20.89 -5.86 -14.09
CA LEU A 484 -19.74 -6.31 -14.87
C LEU A 484 -19.64 -5.47 -16.12
N VAL A 485 -18.52 -4.79 -16.30
CA VAL A 485 -18.30 -3.96 -17.49
C VAL A 485 -17.86 -4.84 -18.65
N LYS A 486 -18.56 -4.71 -19.79
CA LYS A 486 -18.27 -5.51 -20.97
C LYS A 486 -17.50 -4.69 -22.00
N PRO A 487 -16.51 -5.29 -22.67
CA PRO A 487 -15.79 -4.53 -23.71
C PRO A 487 -16.64 -4.28 -24.95
N ILE A 488 -17.41 -5.27 -25.37
CA ILE A 488 -18.34 -5.14 -26.49
C ILE A 488 -19.67 -5.78 -26.09
N PRO A 489 -20.74 -5.49 -26.84
CA PRO A 489 -22.02 -6.16 -26.55
C PRO A 489 -21.91 -7.66 -26.73
N LEU A 490 -22.08 -8.38 -25.63
CA LEU A 490 -22.06 -9.84 -25.64
C LEU A 490 -22.99 -10.35 -24.55
N THR A 491 -23.27 -11.66 -24.61
CA THR A 491 -24.19 -12.30 -23.69
C THR A 491 -23.45 -13.36 -22.89
N ILE A 492 -23.69 -13.39 -21.58
CA ILE A 492 -23.13 -14.39 -20.68
C ILE A 492 -24.28 -15.25 -20.17
N GLU A 493 -24.23 -16.55 -20.47
CA GLU A 493 -25.27 -17.49 -20.08
C GLU A 493 -24.65 -18.66 -19.34
N PHE A 494 -25.37 -19.15 -18.33
CA PHE A 494 -24.93 -20.30 -17.54
C PHE A 494 -25.75 -21.51 -17.93
N ALA A 495 -25.10 -22.52 -18.51
CA ALA A 495 -25.78 -23.75 -18.86
C ALA A 495 -25.09 -24.95 -18.22
N LYS B 14 -8.26 -18.74 15.18
CA LYS B 14 -7.42 -17.98 14.27
C LYS B 14 -8.25 -17.25 13.23
N ILE B 15 -9.01 -17.99 12.44
CA ILE B 15 -9.90 -17.43 11.41
C ILE B 15 -11.33 -17.76 11.79
N THR B 16 -12.17 -16.72 11.85
CA THR B 16 -13.55 -16.86 12.28
C THR B 16 -14.48 -16.23 11.25
N THR B 17 -15.58 -16.92 10.96
CA THR B 17 -16.58 -16.43 10.02
C THR B 17 -17.85 -16.06 10.77
N VAL B 18 -18.53 -15.01 10.31
CA VAL B 18 -19.77 -14.55 10.90
C VAL B 18 -20.76 -14.28 9.77
N ILE B 19 -21.89 -14.97 9.77
CA ILE B 19 -22.94 -14.80 8.77
C ILE B 19 -24.10 -14.06 9.41
N ASP B 20 -24.54 -12.97 8.78
CA ASP B 20 -25.64 -12.14 9.27
C ASP B 20 -26.80 -12.29 8.28
N ILE B 21 -27.79 -13.10 8.65
CA ILE B 21 -28.94 -13.35 7.80
C ILE B 21 -29.94 -12.23 8.06
N GLY B 22 -29.79 -11.13 7.33
CA GLY B 22 -30.65 -9.99 7.51
C GLY B 22 -31.95 -10.11 6.74
N SER B 23 -32.86 -9.17 7.03
CA SER B 23 -34.13 -9.11 6.32
C SER B 23 -33.90 -8.87 4.82
N ASN B 24 -33.08 -7.87 4.51
CA ASN B 24 -32.76 -7.47 3.15
C ASN B 24 -31.41 -7.99 2.69
N SER B 25 -30.37 -7.79 3.49
CA SER B 25 -29.00 -8.15 3.12
C SER B 25 -28.53 -9.28 4.03
N VAL B 26 -28.16 -10.40 3.43
CA VAL B 26 -27.51 -11.50 4.15
C VAL B 26 -26.01 -11.37 3.91
N ARG B 27 -25.28 -10.96 4.94
CA ARG B 27 -23.87 -10.65 4.82
C ARG B 27 -22.99 -11.81 5.27
N LEU B 28 -21.70 -11.70 4.98
CA LEU B 28 -20.69 -12.62 5.48
C LEU B 28 -19.44 -11.82 5.79
N ALA B 29 -18.72 -12.24 6.82
CA ALA B 29 -17.49 -11.57 7.22
C ALA B 29 -16.52 -12.61 7.77
N VAL B 30 -15.30 -12.59 7.24
CA VAL B 30 -14.24 -13.50 7.68
C VAL B 30 -13.20 -12.69 8.41
N PHE B 31 -13.04 -12.95 9.71
CA PHE B 31 -12.06 -12.26 10.54
C PHE B 31 -10.86 -13.15 10.79
N LYS B 32 -9.70 -12.52 10.93
CA LYS B 32 -8.46 -13.22 11.26
C LYS B 32 -7.85 -12.60 12.51
N LYS B 33 -7.58 -13.44 13.50
CA LYS B 33 -7.00 -13.01 14.77
C LYS B 33 -5.49 -13.07 14.66
N THR B 34 -4.83 -11.91 14.71
CA THR B 34 -3.39 -11.82 14.57
C THR B 34 -2.65 -11.67 15.89
N SER B 35 -3.37 -11.40 16.98
CA SER B 35 -2.75 -11.19 18.29
C SER B 35 -3.81 -11.44 19.36
N GLN B 36 -3.45 -11.14 20.60
CA GLN B 36 -4.44 -11.23 21.68
C GLN B 36 -5.60 -10.27 21.45
N PHE B 37 -5.32 -9.09 20.90
CA PHE B 37 -6.34 -8.11 20.60
C PHE B 37 -6.27 -7.61 19.16
N GLY B 38 -5.43 -8.20 18.32
CA GLY B 38 -5.28 -7.77 16.94
C GLY B 38 -6.14 -8.60 16.01
N PHE B 39 -6.89 -7.91 15.16
CA PHE B 39 -7.73 -8.58 14.18
C PHE B 39 -8.01 -7.61 13.03
N TYR B 40 -8.16 -8.16 11.83
CA TYR B 40 -8.50 -7.38 10.66
C TYR B 40 -9.49 -8.16 9.81
N LEU B 41 -10.36 -7.43 9.13
CA LEU B 41 -11.37 -8.05 8.28
C LEU B 41 -10.68 -8.67 7.06
N LEU B 42 -10.72 -10.01 6.98
CA LEU B 42 -10.02 -10.71 5.91
C LEU B 42 -10.86 -10.78 4.63
N PHE B 43 -12.18 -10.80 4.76
CA PHE B 43 -13.06 -10.90 3.59
C PHE B 43 -14.46 -10.47 3.99
N GLU B 44 -15.20 -9.94 3.02
CA GLU B 44 -16.59 -9.56 3.23
C GLU B 44 -17.34 -9.69 1.92
N THR B 45 -18.64 -9.92 2.03
CA THR B 45 -19.52 -9.99 0.86
C THR B 45 -20.93 -9.62 1.30
N LYS B 46 -21.88 -9.77 0.39
CA LYS B 46 -23.25 -9.34 0.62
C LYS B 46 -24.14 -9.97 -0.44
N SER B 47 -25.42 -10.07 -0.13
CA SER B 47 -26.38 -10.64 -1.08
C SER B 47 -27.77 -10.09 -0.77
N LYS B 48 -28.45 -9.61 -1.80
CA LYS B 48 -29.81 -9.06 -1.66
C LYS B 48 -30.83 -10.16 -1.91
N VAL B 49 -30.84 -11.14 -1.01
CA VAL B 49 -31.84 -12.21 -1.12
C VAL B 49 -33.21 -11.71 -0.69
N ARG B 50 -33.25 -10.75 0.24
CA ARG B 50 -34.50 -10.20 0.76
C ARG B 50 -35.47 -11.32 1.15
N ILE B 51 -35.06 -12.07 2.17
CA ILE B 51 -35.85 -13.19 2.64
C ILE B 51 -37.26 -12.74 3.01
N SER B 52 -37.41 -11.48 3.45
CA SER B 52 -38.72 -10.93 3.81
C SER B 52 -39.23 -10.10 2.63
N GLU B 53 -39.76 -10.80 1.63
CA GLU B 53 -40.41 -10.17 0.48
C GLU B 53 -41.85 -10.63 0.45
N GLY B 54 -42.76 -9.76 0.91
CA GLY B 54 -44.16 -10.10 0.96
C GLY B 54 -44.59 -10.86 2.20
N CYS B 55 -43.81 -10.78 3.28
CA CYS B 55 -44.14 -11.49 4.51
C CYS B 55 -44.86 -10.63 5.52
N TYR B 56 -44.68 -9.30 5.48
CA TYR B 56 -45.34 -8.42 6.43
C TYR B 56 -46.83 -8.26 6.16
N ALA B 57 -47.32 -8.78 5.03
CA ALA B 57 -48.75 -8.84 4.79
C ALA B 57 -49.38 -10.16 5.20
N PHE B 58 -48.57 -11.23 5.28
CA PHE B 58 -49.04 -12.55 5.66
C PHE B 58 -48.74 -12.88 7.12
N ASN B 59 -48.53 -11.86 7.95
CA ASN B 59 -48.16 -12.03 9.36
C ASN B 59 -46.85 -12.81 9.50
N GLY B 60 -45.82 -12.28 8.84
CA GLY B 60 -44.48 -12.84 8.97
C GLY B 60 -44.25 -14.18 8.31
N ILE B 61 -45.16 -14.63 7.45
CA ILE B 61 -44.99 -15.91 6.77
C ILE B 61 -43.97 -15.72 5.64
N LEU B 62 -42.85 -16.44 5.72
CA LEU B 62 -41.79 -16.31 4.74
C LEU B 62 -42.18 -17.06 3.47
N GLN B 63 -42.27 -16.34 2.35
CA GLN B 63 -42.65 -16.95 1.09
C GLN B 63 -41.57 -17.94 0.62
N GLU B 64 -41.94 -18.74 -0.39
CA GLU B 64 -41.03 -19.77 -0.90
C GLU B 64 -39.99 -19.18 -1.84
N ILE B 65 -40.34 -18.14 -2.60
CA ILE B 65 -39.36 -17.51 -3.49
C ILE B 65 -38.16 -16.97 -2.72
N PRO B 66 -38.32 -16.16 -1.68
CA PRO B 66 -37.12 -15.61 -1.01
C PRO B 66 -36.38 -16.64 -0.18
N MET B 67 -37.06 -17.65 0.36
CA MET B 67 -36.40 -18.62 1.22
C MET B 67 -35.41 -19.49 0.44
N GLN B 68 -35.80 -19.92 -0.77
CA GLN B 68 -34.90 -20.75 -1.56
C GLN B 68 -33.68 -19.97 -2.03
N ARG B 69 -33.81 -18.65 -2.17
CA ARG B 69 -32.64 -17.83 -2.46
C ARG B 69 -31.67 -17.83 -1.28
N ALA B 70 -32.20 -17.69 -0.07
CA ALA B 70 -31.34 -17.73 1.12
C ALA B 70 -30.66 -19.07 1.27
N VAL B 71 -31.31 -20.15 0.82
CA VAL B 71 -30.67 -21.47 0.88
C VAL B 71 -29.45 -21.52 -0.03
N LYS B 72 -29.57 -20.98 -1.24
CA LYS B 72 -28.44 -21.02 -2.18
C LYS B 72 -27.34 -20.06 -1.75
N ALA B 73 -27.71 -18.89 -1.24
CA ALA B 73 -26.72 -17.93 -0.77
C ALA B 73 -25.96 -18.47 0.44
N LEU B 74 -26.69 -19.02 1.41
CA LEU B 74 -26.03 -19.61 2.58
C LEU B 74 -25.19 -20.82 2.20
N SER B 75 -25.65 -21.60 1.23
CA SER B 75 -24.90 -22.78 0.81
C SER B 75 -23.57 -22.40 0.18
N GLU B 76 -23.48 -21.22 -0.42
CA GLU B 76 -22.22 -20.74 -0.98
C GLU B 76 -21.42 -19.91 -0.01
N PHE B 77 -22.08 -19.26 0.95
CA PHE B 77 -21.36 -18.67 2.08
C PHE B 77 -20.60 -19.74 2.86
N LYS B 78 -21.11 -20.97 2.86
CA LYS B 78 -20.41 -22.07 3.51
C LYS B 78 -19.10 -22.38 2.81
N GLU B 79 -19.12 -22.47 1.48
CA GLU B 79 -17.90 -22.76 0.73
C GLU B 79 -16.85 -21.68 0.92
N ILE B 80 -17.29 -20.42 1.01
CA ILE B 80 -16.35 -19.32 1.22
C ILE B 80 -15.66 -19.47 2.57
N ALA B 81 -16.45 -19.72 3.63
CA ALA B 81 -15.86 -19.87 4.96
C ALA B 81 -14.90 -21.06 5.01
N LEU B 82 -15.23 -22.13 4.31
CA LEU B 82 -14.32 -23.27 4.22
C LEU B 82 -13.13 -22.99 3.31
N LYS B 83 -13.33 -22.20 2.25
CA LYS B 83 -12.25 -21.88 1.34
C LYS B 83 -11.13 -21.12 2.03
N TYR B 84 -11.46 -20.32 3.04
CA TYR B 84 -10.46 -19.54 3.77
C TYR B 84 -9.99 -20.24 5.03
N LYS B 85 -10.20 -21.55 5.11
CA LYS B 85 -9.71 -22.38 6.25
C LYS B 85 -10.16 -21.79 7.59
N SER B 86 -11.44 -21.51 7.73
CA SER B 86 -11.98 -20.98 8.98
C SER B 86 -12.31 -22.13 9.93
N LYS B 87 -11.95 -21.95 11.20
CA LYS B 87 -12.16 -22.96 12.23
C LYS B 87 -13.42 -22.70 13.06
N LYS B 88 -14.11 -21.59 12.84
CA LYS B 88 -15.33 -21.26 13.55
C LYS B 88 -16.29 -20.54 12.61
N ILE B 89 -17.57 -20.91 12.66
CA ILE B 89 -18.61 -20.27 11.86
C ILE B 89 -19.81 -20.04 12.77
N LEU B 90 -20.20 -18.78 12.94
CA LEU B 90 -21.34 -18.41 13.77
C LEU B 90 -22.40 -17.75 12.88
N CYS B 91 -23.58 -18.36 12.81
CA CYS B 91 -24.69 -17.83 12.04
C CYS B 91 -25.71 -17.20 12.98
N VAL B 92 -26.22 -16.03 12.59
CA VAL B 92 -27.23 -15.32 13.36
C VAL B 92 -28.31 -14.83 12.42
N ALA B 93 -29.57 -14.98 12.85
CA ALA B 93 -30.72 -14.42 12.15
C ALA B 93 -31.26 -13.23 12.94
N THR B 94 -32.14 -12.47 12.31
CA THR B 94 -32.62 -11.22 12.88
C THR B 94 -34.12 -11.09 12.59
N SER B 95 -34.62 -9.85 12.73
CA SER B 95 -36.06 -9.56 12.78
C SER B 95 -36.91 -10.40 11.82
N ALA B 96 -36.55 -10.43 10.55
CA ALA B 96 -37.38 -11.12 9.56
C ALA B 96 -37.49 -12.61 9.81
N VAL B 97 -36.63 -13.18 10.65
CA VAL B 97 -36.65 -14.60 10.95
C VAL B 97 -37.18 -14.89 12.36
N ARG B 98 -36.82 -14.06 13.34
CA ARG B 98 -37.29 -14.29 14.70
C ARG B 98 -38.79 -14.06 14.82
N ASP B 99 -39.35 -13.18 14.00
CA ASP B 99 -40.78 -12.89 14.00
C ASP B 99 -41.53 -13.70 12.95
N ALA B 100 -41.05 -14.89 12.62
CA ALA B 100 -41.62 -15.72 11.57
C ALA B 100 -42.32 -16.93 12.17
N PRO B 101 -43.57 -17.21 11.78
CA PRO B 101 -44.20 -18.46 12.23
C PRO B 101 -43.46 -19.70 11.77
N ASN B 102 -42.88 -19.67 10.57
CA ASN B 102 -42.08 -20.78 10.05
C ASN B 102 -40.61 -20.64 10.40
N ARG B 103 -40.29 -19.99 11.52
CA ARG B 103 -38.91 -19.79 11.93
C ARG B 103 -38.17 -21.13 12.05
N LEU B 104 -38.75 -22.08 12.78
CA LEU B 104 -38.12 -23.38 12.96
C LEU B 104 -38.01 -24.14 11.63
N GLU B 105 -38.90 -23.87 10.69
CA GLU B 105 -38.86 -24.55 9.40
C GLU B 105 -37.65 -24.14 8.58
N PHE B 106 -37.22 -22.88 8.71
CA PHE B 106 -36.06 -22.41 7.95
C PHE B 106 -34.75 -22.87 8.57
N VAL B 107 -34.68 -22.89 9.90
CA VAL B 107 -33.47 -23.37 10.57
C VAL B 107 -33.24 -24.85 10.30
N ALA B 108 -34.28 -25.59 9.92
CA ALA B 108 -34.11 -27.01 9.63
C ALA B 108 -33.64 -27.23 8.19
N ARG B 109 -34.27 -26.57 7.23
CA ARG B 109 -33.94 -26.80 5.82
C ARG B 109 -32.58 -26.25 5.44
N VAL B 110 -32.03 -25.32 6.22
CA VAL B 110 -30.68 -24.84 5.94
C VAL B 110 -29.66 -25.91 6.27
N LYS B 111 -29.87 -26.65 7.36
CA LYS B 111 -29.03 -27.80 7.66
C LYS B 111 -29.23 -28.91 6.63
N LYS B 112 -30.41 -28.98 6.04
CA LYS B 112 -30.67 -29.99 5.02
C LYS B 112 -29.78 -29.81 3.81
N ALA B 113 -29.52 -28.57 3.42
CA ALA B 113 -28.75 -28.27 2.21
C ALA B 113 -27.26 -28.15 2.50
N CYS B 114 -26.87 -27.19 3.34
CA CYS B 114 -25.47 -26.91 3.61
C CYS B 114 -24.97 -27.40 4.95
N GLY B 115 -25.81 -27.40 5.98
CA GLY B 115 -25.38 -27.84 7.30
C GLY B 115 -24.92 -26.70 8.19
N LEU B 116 -25.73 -25.66 8.27
CA LEU B 116 -25.43 -24.49 9.10
C LEU B 116 -26.47 -24.37 10.20
N GLN B 117 -26.00 -24.23 11.44
CA GLN B 117 -26.88 -24.12 12.60
C GLN B 117 -27.11 -22.64 12.87
N ILE B 118 -28.25 -22.13 12.41
CA ILE B 118 -28.59 -20.72 12.61
C ILE B 118 -29.05 -20.51 14.04
N LYS B 119 -28.53 -19.48 14.69
CA LYS B 119 -28.90 -19.11 16.05
C LYS B 119 -29.73 -17.83 15.99
N ILE B 120 -31.04 -17.96 16.19
CA ILE B 120 -31.93 -16.82 16.13
C ILE B 120 -31.64 -15.89 17.30
N ILE B 121 -31.48 -14.60 17.01
CA ILE B 121 -31.19 -13.58 17.99
C ILE B 121 -32.47 -12.80 18.27
N ASP B 122 -32.63 -12.34 19.51
CA ASP B 122 -33.77 -11.52 19.86
C ASP B 122 -33.42 -10.04 19.70
N GLY B 123 -34.46 -9.21 19.67
CA GLY B 123 -34.27 -7.79 19.40
C GLY B 123 -33.36 -7.12 20.43
N GLN B 124 -33.52 -7.48 21.70
CA GLN B 124 -32.65 -6.92 22.74
C GLN B 124 -31.22 -7.40 22.57
N LYS B 125 -31.03 -8.65 22.16
CA LYS B 125 -29.69 -9.19 21.97
C LYS B 125 -29.06 -8.72 20.66
N GLU B 126 -29.89 -8.38 19.67
CA GLU B 126 -29.34 -7.84 18.43
C GLU B 126 -28.78 -6.44 18.64
N ALA B 127 -29.49 -5.61 19.40
CA ALA B 127 -28.98 -4.29 19.74
C ALA B 127 -27.72 -4.38 20.59
N LEU B 128 -27.49 -5.51 21.25
CA LEU B 128 -26.28 -5.68 22.05
C LEU B 128 -25.04 -5.64 21.17
N TYR B 129 -25.02 -6.46 20.11
CA TYR B 129 -23.85 -6.53 19.23
C TYR B 129 -23.55 -5.19 18.59
N GLY B 130 -24.60 -4.45 18.21
CA GLY B 130 -24.40 -3.14 17.63
C GLY B 130 -23.65 -2.19 18.53
N GLY B 131 -23.92 -2.28 19.85
CA GLY B 131 -23.19 -1.47 20.80
C GLY B 131 -21.79 -1.98 21.09
N ILE B 132 -21.60 -3.30 21.06
CA ILE B 132 -20.28 -3.87 21.28
C ILE B 132 -19.33 -3.44 20.17
N ALA B 133 -19.83 -3.37 18.94
CA ALA B 133 -18.98 -2.96 17.82
C ALA B 133 -18.69 -1.46 17.86
N CYS B 134 -19.65 -0.66 18.29
CA CYS B 134 -19.47 0.80 18.29
C CYS B 134 -18.68 1.28 19.50
N ALA B 135 -18.84 0.64 20.66
CA ALA B 135 -18.14 1.07 21.86
C ALA B 135 -16.65 0.76 21.83
N ASN B 136 -16.15 0.08 20.80
CA ASN B 136 -14.75 -0.29 20.71
C ASN B 136 -14.08 0.08 19.40
N LEU B 137 -14.83 0.34 18.33
CA LEU B 137 -14.27 0.59 17.01
C LEU B 137 -14.64 1.97 16.48
N LEU B 138 -14.85 2.93 17.38
CA LEU B 138 -15.16 4.29 16.98
C LEU B 138 -14.41 5.27 17.89
N HIS B 139 -14.13 6.46 17.36
CA HIS B 139 -13.36 7.46 18.09
C HIS B 139 -14.17 8.16 19.18
N LYS B 140 -15.42 7.77 19.40
CA LYS B 140 -16.23 8.30 20.49
C LYS B 140 -16.96 7.15 21.17
N ASN B 141 -16.90 7.12 22.50
CA ASN B 141 -17.53 6.07 23.29
C ASN B 141 -18.71 6.61 24.09
N SER B 142 -19.39 7.64 23.58
CA SER B 142 -20.56 8.23 24.24
C SER B 142 -21.56 8.57 23.14
N GLY B 143 -22.48 7.66 22.88
CA GLY B 143 -23.46 7.88 21.83
C GLY B 143 -24.60 6.89 21.92
N ILE B 144 -25.46 6.93 20.90
CA ILE B 144 -26.63 6.07 20.80
C ILE B 144 -26.60 5.40 19.43
N THR B 145 -26.38 4.08 19.41
CA THR B 145 -26.33 3.36 18.15
C THR B 145 -27.69 3.38 17.46
N ILE B 146 -27.66 3.38 16.13
CA ILE B 146 -28.88 3.33 15.32
C ILE B 146 -28.67 2.34 14.19
N ASP B 147 -29.21 1.12 14.35
CA ASP B 147 -29.07 0.08 13.34
C ASP B 147 -30.40 -0.04 12.59
N ILE B 148 -30.57 0.81 11.58
CA ILE B 148 -31.77 0.81 10.75
C ILE B 148 -31.59 -0.30 9.72
N GLY B 149 -32.23 -1.45 9.96
CA GLY B 149 -32.16 -2.57 9.06
C GLY B 149 -33.42 -2.72 8.22
N GLY B 150 -33.57 -3.91 7.63
CA GLY B 150 -34.73 -4.15 6.79
C GLY B 150 -36.01 -4.27 7.59
N GLY B 151 -35.97 -4.97 8.71
CA GLY B 151 -37.18 -5.19 9.50
C GLY B 151 -37.23 -4.46 10.82
N SER B 152 -36.09 -4.33 11.51
CA SER B 152 -36.06 -3.76 12.85
C SER B 152 -34.99 -2.69 12.93
N THR B 153 -35.19 -1.76 13.87
CA THR B 153 -34.27 -0.65 14.13
C THR B 153 -33.81 -0.74 15.57
N GLU B 154 -32.55 -1.10 15.77
CA GLU B 154 -31.98 -1.29 17.10
C GLU B 154 -31.26 -0.03 17.57
N CYS B 155 -31.38 0.26 18.86
CA CYS B 155 -30.67 1.37 19.49
C CYS B 155 -30.07 0.90 20.80
N ALA B 156 -29.03 1.61 21.24
CA ALA B 156 -28.34 1.26 22.47
C ALA B 156 -27.50 2.44 22.93
N LEU B 157 -27.68 2.82 24.20
CA LEU B 157 -26.90 3.90 24.78
C LEU B 157 -25.53 3.38 25.19
N ILE B 158 -24.49 4.13 24.85
CA ILE B 158 -23.12 3.83 25.22
C ILE B 158 -22.59 4.98 26.05
N GLU B 159 -21.96 4.66 27.19
CA GLU B 159 -21.41 5.67 28.10
C GLU B 159 -19.98 5.27 28.45
N LYS B 160 -19.01 5.95 27.83
CA LYS B 160 -17.59 5.75 28.11
C LYS B 160 -17.18 4.29 27.91
N GLY B 161 -17.79 3.65 26.90
CA GLY B 161 -17.50 2.27 26.57
C GLY B 161 -18.52 1.28 27.08
N LYS B 162 -19.28 1.63 28.12
CA LYS B 162 -20.25 0.74 28.72
C LYS B 162 -21.64 0.96 28.12
N ILE B 163 -22.35 -0.13 27.88
CA ILE B 163 -23.69 -0.09 27.32
C ILE B 163 -24.71 -0.09 28.45
N LYS B 164 -25.61 0.88 28.43
CA LYS B 164 -26.56 1.07 29.53
C LYS B 164 -27.92 0.42 29.24
N ASP B 165 -28.61 0.85 28.19
CA ASP B 165 -29.96 0.38 27.91
C ASP B 165 -30.08 0.01 26.44
N LEU B 166 -31.01 -0.91 26.16
CA LEU B 166 -31.22 -1.43 24.83
C LEU B 166 -32.70 -1.42 24.50
N ILE B 167 -33.01 -1.21 23.22
CA ILE B 167 -34.39 -1.19 22.75
C ILE B 167 -34.39 -1.64 21.30
N SER B 168 -35.48 -2.30 20.89
CA SER B 168 -35.59 -2.90 19.56
C SER B 168 -36.94 -2.53 18.96
N LEU B 169 -36.96 -1.46 18.18
CA LEU B 169 -38.19 -1.04 17.50
C LEU B 169 -38.48 -1.97 16.34
N ASP B 170 -39.73 -2.43 16.24
CA ASP B 170 -40.15 -3.27 15.11
C ASP B 170 -40.52 -2.40 13.91
N VAL B 171 -39.52 -1.65 13.44
CA VAL B 171 -39.67 -0.78 12.28
C VAL B 171 -38.40 -0.89 11.43
N GLY B 172 -38.56 -1.02 10.12
CA GLY B 172 -37.44 -1.22 9.24
C GLY B 172 -37.68 -0.62 7.87
N THR B 173 -36.67 -0.75 7.02
CA THR B 173 -36.75 -0.16 5.68
C THR B 173 -37.67 -0.95 4.78
N ILE B 174 -37.57 -2.29 4.82
CA ILE B 174 -38.42 -3.12 3.98
C ILE B 174 -39.83 -3.23 4.57
N ARG B 175 -39.93 -3.26 5.89
CA ARG B 175 -41.24 -3.35 6.54
C ARG B 175 -42.10 -2.12 6.20
N ILE B 176 -41.56 -0.91 6.43
CA ILE B 176 -42.31 0.30 6.15
C ILE B 176 -42.59 0.43 4.66
N LYS B 177 -41.71 -0.09 3.82
CA LYS B 177 -41.91 -0.01 2.38
C LYS B 177 -43.10 -0.84 1.93
N GLU B 178 -43.16 -2.11 2.36
CA GLU B 178 -44.13 -3.05 1.80
C GLU B 178 -45.58 -2.68 2.14
N MET B 179 -45.81 -1.93 3.20
CA MET B 179 -47.18 -1.65 3.63
C MET B 179 -47.56 -0.18 3.62
N PHE B 180 -46.60 0.74 3.44
CA PHE B 180 -46.92 2.16 3.36
C PHE B 180 -46.51 2.80 2.04
N LEU B 181 -45.25 2.63 1.62
CA LEU B 181 -44.77 3.31 0.43
C LEU B 181 -45.15 2.59 -0.86
N ASP B 182 -45.47 1.29 -0.78
CA ASP B 182 -45.97 0.59 -1.96
C ASP B 182 -47.40 1.03 -2.31
N LYS B 183 -48.13 1.58 -1.36
CA LYS B 183 -49.49 2.04 -1.56
C LYS B 183 -49.57 3.53 -1.86
N ASP B 184 -48.42 4.22 -1.92
CA ASP B 184 -48.37 5.66 -2.19
C ASP B 184 -49.21 6.45 -1.19
N LEU B 185 -49.26 5.97 0.05
CA LEU B 185 -49.96 6.70 1.10
C LEU B 185 -49.21 8.00 1.41
N ASP B 186 -49.90 8.90 2.11
CA ASP B 186 -49.32 10.17 2.47
C ASP B 186 -48.03 9.95 3.27
N VAL B 187 -47.01 10.76 2.98
CA VAL B 187 -45.71 10.57 3.61
C VAL B 187 -45.82 10.79 5.12
N LYS B 188 -46.76 11.63 5.56
CA LYS B 188 -47.00 11.81 6.98
C LYS B 188 -47.86 10.71 7.58
N LEU B 189 -48.52 9.91 6.73
CA LEU B 189 -49.23 8.74 7.24
C LEU B 189 -48.25 7.69 7.72
N ALA B 190 -47.19 7.44 6.95
CA ALA B 190 -46.15 6.50 7.38
C ALA B 190 -45.36 7.07 8.55
N LYS B 191 -45.11 8.37 8.55
CA LYS B 191 -44.40 9.02 9.65
C LYS B 191 -45.15 8.91 10.98
N ALA B 192 -46.42 8.52 10.96
CA ALA B 192 -47.15 8.28 12.20
C ALA B 192 -46.79 6.93 12.79
N PHE B 193 -46.80 5.87 11.98
CA PHE B 193 -46.38 4.56 12.45
C PHE B 193 -44.94 4.59 12.94
N ILE B 194 -44.08 5.37 12.27
CA ILE B 194 -42.72 5.56 12.76
C ILE B 194 -42.73 6.11 14.17
N GLN B 195 -43.42 7.25 14.36
CA GLN B 195 -43.49 7.87 15.69
C GLN B 195 -44.17 6.97 16.72
N LYS B 196 -45.01 6.02 16.29
CA LYS B 196 -45.64 5.11 17.22
C LYS B 196 -44.61 4.31 18.01
N GLU B 197 -43.47 4.02 17.40
CA GLU B 197 -42.42 3.25 18.06
C GLU B 197 -41.18 4.07 18.39
N VAL B 198 -40.97 5.22 17.75
CA VAL B 198 -39.81 6.04 18.06
C VAL B 198 -39.98 6.81 19.37
N SER B 199 -41.22 7.06 19.79
CA SER B 199 -41.45 7.84 20.99
C SER B 199 -41.09 7.09 22.27
N LYS B 200 -40.94 5.76 22.20
CA LYS B 200 -40.61 4.96 23.37
C LYS B 200 -39.10 4.83 23.60
N LEU B 201 -38.32 5.78 23.08
CA LEU B 201 -36.88 5.78 23.30
C LEU B 201 -36.59 6.54 24.60
N PRO B 202 -36.24 5.87 25.69
CA PRO B 202 -36.12 6.54 26.99
C PRO B 202 -34.80 7.26 27.23
N PHE B 203 -33.95 7.39 26.22
CA PHE B 203 -32.65 8.03 26.38
C PHE B 203 -32.43 9.08 25.30
N LYS B 204 -31.59 10.06 25.62
CA LYS B 204 -31.22 11.12 24.69
C LYS B 204 -29.73 11.38 24.80
N HIS B 205 -29.13 11.75 23.67
CA HIS B 205 -27.69 12.05 23.66
C HIS B 205 -27.37 12.85 22.41
N LYS B 206 -26.33 13.68 22.52
CA LYS B 206 -25.93 14.53 21.40
C LYS B 206 -25.35 13.71 20.25
N ASN B 207 -24.71 12.59 20.55
CA ASN B 207 -24.05 11.77 19.55
C ASN B 207 -24.94 10.62 19.11
N ALA B 208 -24.67 10.12 17.90
CA ALA B 208 -25.38 8.97 17.36
C ALA B 208 -24.42 8.19 16.47
N PHE B 209 -24.63 6.87 16.43
CA PHE B 209 -23.77 5.96 15.67
C PHE B 209 -24.62 5.30 14.59
N GLY B 210 -24.45 5.75 13.34
CA GLY B 210 -25.20 5.21 12.24
C GLY B 210 -24.71 3.84 11.78
N VAL B 211 -25.54 2.82 11.91
CA VAL B 211 -25.19 1.46 11.57
C VAL B 211 -26.19 0.93 10.55
N GLY B 212 -25.74 -0.02 9.75
CA GLY B 212 -26.58 -0.63 8.74
C GLY B 212 -26.28 -0.09 7.34
N GLY B 213 -26.66 -0.88 6.34
CA GLY B 213 -26.42 -0.47 4.97
C GLY B 213 -27.24 0.72 4.54
N THR B 214 -28.41 0.92 5.15
CA THR B 214 -29.25 2.07 4.81
C THR B 214 -28.59 3.37 5.22
N ILE B 215 -28.03 3.42 6.43
CA ILE B 215 -27.42 4.65 6.92
C ILE B 215 -26.09 4.89 6.21
N ARG B 216 -25.35 3.82 5.91
CA ARG B 216 -24.09 3.97 5.17
C ARG B 216 -24.34 4.47 3.76
N ALA B 217 -25.43 4.01 3.13
CA ALA B 217 -25.78 4.52 1.81
C ALA B 217 -26.11 6.01 1.86
N LEU B 218 -26.79 6.45 2.92
CA LEU B 218 -27.06 7.86 3.08
C LEU B 218 -25.78 8.65 3.34
N SER B 219 -24.81 8.05 4.04
CA SER B 219 -23.55 8.73 4.28
C SER B 219 -22.74 8.90 3.01
N LYS B 220 -22.84 7.94 2.08
CA LYS B 220 -22.14 8.05 0.80
C LYS B 220 -22.69 9.20 -0.03
N VAL B 221 -23.99 9.48 0.05
CA VAL B 221 -24.57 10.60 -0.66
C VAL B 221 -24.03 11.91 -0.13
N LEU B 222 -23.90 12.02 1.20
CA LEU B 222 -23.40 13.26 1.79
C LEU B 222 -21.94 13.48 1.44
N MET B 223 -21.11 12.43 1.52
CA MET B 223 -19.70 12.57 1.16
C MET B 223 -19.53 12.96 -0.30
N LYS B 224 -20.49 12.60 -1.16
CA LYS B 224 -20.37 12.89 -2.59
C LYS B 224 -20.55 14.37 -2.86
N ARG B 225 -21.68 14.94 -2.42
CA ARG B 225 -21.97 16.34 -2.71
C ARG B 225 -21.01 17.28 -1.99
N PHE B 226 -20.63 16.95 -0.76
CA PHE B 226 -19.69 17.78 -0.02
C PHE B 226 -18.27 17.68 -0.54
N ASP B 227 -18.02 16.82 -1.53
CA ASP B 227 -16.70 16.63 -2.11
C ASP B 227 -15.67 16.29 -1.02
N TYR B 228 -15.93 15.18 -0.34
CA TYR B 228 -15.08 14.75 0.76
C TYR B 228 -13.81 14.10 0.21
N PRO B 229 -12.62 14.54 0.63
CA PRO B 229 -11.40 13.96 0.06
C PRO B 229 -11.09 12.56 0.57
N ILE B 230 -11.39 12.27 1.83
CA ILE B 230 -11.14 10.94 2.38
C ILE B 230 -12.22 9.99 1.86
N ASP B 231 -11.79 8.82 1.37
CA ASP B 231 -12.65 7.88 0.67
C ASP B 231 -13.14 6.75 1.58
N SER B 232 -13.11 6.95 2.90
CA SER B 232 -13.59 5.96 3.85
C SER B 232 -14.84 6.49 4.55
N LEU B 233 -15.83 5.63 4.72
CA LEU B 233 -17.07 6.02 5.38
C LEU B 233 -17.06 5.72 6.87
N HIS B 234 -16.22 4.79 7.32
CA HIS B 234 -16.16 4.43 8.73
C HIS B 234 -15.61 5.60 9.54
N GLY B 235 -16.46 6.22 10.35
CA GLY B 235 -16.07 7.35 11.16
C GLY B 235 -16.39 8.71 10.58
N TYR B 236 -17.17 8.78 9.51
CA TYR B 236 -17.50 10.04 8.87
C TYR B 236 -18.48 10.82 9.74
N GLU B 237 -18.02 11.94 10.30
CA GLU B 237 -18.88 12.76 11.14
C GLU B 237 -19.90 13.52 10.29
N ILE B 238 -21.13 13.59 10.80
CA ILE B 238 -22.23 14.25 10.11
C ILE B 238 -22.90 15.21 11.07
N ASP B 239 -23.10 16.45 10.63
CA ASP B 239 -23.82 17.45 11.41
C ASP B 239 -25.31 17.14 11.32
N ALA B 240 -25.90 16.72 12.45
CA ALA B 240 -27.30 16.31 12.43
C ALA B 240 -28.23 17.51 12.18
N HIS B 241 -27.92 18.66 12.76
CA HIS B 241 -28.80 19.82 12.58
C HIS B 241 -28.64 20.42 11.19
N LYS B 242 -27.45 20.36 10.61
CA LYS B 242 -27.21 20.96 9.31
C LYS B 242 -27.78 20.11 8.17
N ASN B 243 -27.81 18.78 8.35
CA ASN B 243 -28.22 17.87 7.29
C ASN B 243 -29.58 17.24 7.50
N LEU B 244 -30.23 17.47 8.65
CA LEU B 244 -31.56 16.89 8.87
C LEU B 244 -32.55 17.37 7.81
N ALA B 245 -32.40 18.62 7.36
CA ALA B 245 -33.32 19.15 6.37
C ALA B 245 -33.27 18.37 5.06
N PHE B 246 -32.06 18.08 4.59
CA PHE B 246 -31.93 17.36 3.32
C PHE B 246 -32.35 15.90 3.46
N ILE B 247 -32.06 15.28 4.61
CA ILE B 247 -32.39 13.87 4.80
C ILE B 247 -33.88 13.63 4.63
N GLU B 248 -34.71 14.53 5.18
CA GLU B 248 -36.16 14.39 5.02
C GLU B 248 -36.57 14.48 3.56
N LYS B 249 -35.78 15.17 2.74
CA LYS B 249 -36.16 15.36 1.34
C LYS B 249 -36.05 14.08 0.53
N ILE B 250 -35.08 13.20 0.86
CA ILE B 250 -34.81 12.00 0.08
C ILE B 250 -36.09 11.20 -0.15
N VAL B 251 -37.01 11.21 0.82
CA VAL B 251 -38.25 10.47 0.66
C VAL B 251 -39.06 10.98 -0.53
N MET B 252 -38.94 12.27 -0.84
CA MET B 252 -39.72 12.87 -1.91
C MET B 252 -39.08 12.71 -3.29
N LEU B 253 -37.83 12.30 -3.38
CA LEU B 253 -37.17 12.13 -4.67
C LEU B 253 -37.43 10.72 -5.22
N LYS B 254 -37.57 10.65 -6.54
CA LYS B 254 -37.91 9.39 -7.21
C LYS B 254 -36.63 8.68 -7.65
N GLU B 255 -36.80 7.65 -8.48
CA GLU B 255 -35.67 6.78 -8.84
C GLU B 255 -34.56 7.57 -9.53
N ASP B 256 -34.91 8.36 -10.54
CA ASP B 256 -33.89 9.06 -11.32
C ASP B 256 -33.06 9.99 -10.45
N GLN B 257 -33.73 10.82 -9.65
CA GLN B 257 -33.02 11.78 -8.82
C GLN B 257 -32.10 11.10 -7.81
N LEU B 258 -32.47 9.90 -7.35
CA LEU B 258 -31.58 9.16 -6.46
C LEU B 258 -30.35 8.64 -7.19
N ARG B 259 -30.49 8.30 -8.47
CA ARG B 259 -29.34 7.86 -9.25
C ARG B 259 -28.26 8.93 -9.30
N LEU B 260 -28.66 10.18 -9.54
CA LEU B 260 -27.68 11.26 -9.64
C LEU B 260 -26.96 11.50 -8.33
N LEU B 261 -27.61 11.23 -7.20
CA LEU B 261 -27.00 11.43 -5.90
C LEU B 261 -26.05 10.29 -5.51
N GLY B 262 -25.87 9.29 -6.38
CA GLY B 262 -24.91 8.24 -6.12
C GLY B 262 -25.44 7.02 -5.39
N VAL B 263 -26.76 6.80 -5.40
CA VAL B 263 -27.35 5.67 -4.71
C VAL B 263 -27.19 4.42 -5.56
N ASN B 264 -26.76 3.33 -4.92
CA ASN B 264 -26.59 2.07 -5.63
C ASN B 264 -27.94 1.57 -6.16
N GLU B 265 -27.87 0.63 -7.11
CA GLU B 265 -29.07 0.10 -7.72
C GLU B 265 -29.87 -0.75 -6.73
N GLU B 266 -29.18 -1.64 -6.02
CA GLU B 266 -29.85 -2.50 -5.04
C GLU B 266 -30.47 -1.71 -3.90
N ARG B 267 -30.00 -0.49 -3.68
CA ARG B 267 -30.49 0.32 -2.52
C ARG B 267 -31.38 1.47 -3.01
N LEU B 268 -32.28 1.18 -3.95
CA LEU B 268 -33.20 2.20 -4.45
C LEU B 268 -34.60 2.11 -3.86
N ASP B 269 -35.16 0.90 -3.78
CA ASP B 269 -36.50 0.73 -3.23
C ASP B 269 -36.53 0.87 -1.72
N SER B 270 -35.38 0.81 -1.05
CA SER B 270 -35.32 0.85 0.41
C SER B 270 -34.71 2.11 0.97
N ILE B 271 -34.03 2.92 0.16
CA ILE B 271 -33.30 4.07 0.68
C ILE B 271 -34.27 5.15 1.18
N ARG B 272 -35.32 5.43 0.42
CA ARG B 272 -36.22 6.53 0.80
C ARG B 272 -37.11 6.13 1.96
N SER B 273 -37.44 4.85 2.09
CA SER B 273 -38.18 4.39 3.27
C SER B 273 -37.30 4.46 4.51
N GLY B 274 -36.03 4.09 4.39
CA GLY B 274 -35.13 4.17 5.52
C GLY B 274 -34.68 5.57 5.83
N ALA B 275 -34.71 6.46 4.84
CA ALA B 275 -34.36 7.85 5.09
C ALA B 275 -35.40 8.56 5.94
N LEU B 276 -36.66 8.14 5.83
CA LEU B 276 -37.71 8.67 6.71
C LEU B 276 -37.47 8.23 8.15
N ILE B 277 -37.07 6.97 8.34
CA ILE B 277 -36.88 6.43 9.69
C ILE B 277 -35.76 7.18 10.41
N LEU B 278 -34.71 7.55 9.68
CA LEU B 278 -33.58 8.22 10.32
C LEU B 278 -33.94 9.64 10.75
N SER B 279 -34.71 10.35 9.92
CA SER B 279 -35.06 11.73 10.24
C SER B 279 -35.90 11.82 11.50
N VAL B 280 -36.65 10.78 11.83
CA VAL B 280 -37.47 10.79 13.03
C VAL B 280 -36.63 10.53 14.27
N VAL B 281 -35.68 9.59 14.17
CA VAL B 281 -34.87 9.22 15.33
C VAL B 281 -33.96 10.37 15.74
N LEU B 282 -33.33 11.03 14.76
CA LEU B 282 -32.40 12.12 15.08
C LEU B 282 -33.13 13.26 15.79
N GLU B 283 -34.29 13.66 15.29
CA GLU B 283 -35.03 14.75 15.92
C GLU B 283 -35.56 14.34 17.29
N HIS B 284 -35.91 13.06 17.46
CA HIS B 284 -36.33 12.57 18.76
C HIS B 284 -35.19 12.62 19.77
N LEU B 285 -34.03 12.07 19.39
CA LEU B 285 -32.87 12.07 20.27
C LEU B 285 -32.21 13.44 20.40
N LYS B 286 -32.60 14.36 19.53
CA LYS B 286 -32.02 15.73 19.56
C LYS B 286 -30.50 15.61 19.38
N THR B 287 -30.05 14.69 18.54
CA THR B 287 -28.64 14.53 18.25
C THR B 287 -28.11 15.73 17.48
N SER B 288 -26.83 16.06 17.73
CA SER B 288 -26.15 17.12 17.02
C SER B 288 -24.97 16.63 16.21
N LEU B 289 -24.63 15.34 16.30
CA LEU B 289 -23.48 14.80 15.59
C LEU B 289 -23.67 13.29 15.44
N MET B 290 -23.90 12.83 14.21
CA MET B 290 -23.96 11.41 13.90
C MET B 290 -22.63 10.97 13.30
N ILE B 291 -22.21 9.76 13.63
CA ILE B 291 -20.94 9.20 13.18
C ILE B 291 -21.24 7.93 12.42
N THR B 292 -20.94 7.92 11.11
CA THR B 292 -21.13 6.73 10.31
C THR B 292 -20.27 5.58 10.85
N SER B 293 -20.82 4.37 10.83
CA SER B 293 -20.14 3.20 11.33
C SER B 293 -20.10 2.13 10.25
N GLY B 294 -18.90 1.62 9.97
CA GLY B 294 -18.75 0.53 9.03
C GLY B 294 -18.90 -0.82 9.69
N VAL B 295 -18.81 -0.85 11.01
CA VAL B 295 -18.95 -2.07 11.80
C VAL B 295 -20.38 -2.16 12.30
N GLY B 296 -20.88 -3.39 12.43
CA GLY B 296 -22.27 -3.62 12.82
C GLY B 296 -22.43 -4.91 13.57
N VAL B 297 -23.45 -5.68 13.21
CA VAL B 297 -23.75 -6.92 13.91
C VAL B 297 -22.61 -7.93 13.72
N ARG B 298 -22.06 -8.01 12.50
CA ARG B 298 -21.00 -8.97 12.23
C ARG B 298 -19.81 -8.76 13.14
N GLU B 299 -19.37 -7.50 13.28
CA GLU B 299 -18.23 -7.21 14.14
C GLU B 299 -18.58 -7.36 15.62
N GLY B 300 -19.84 -7.14 15.98
CA GLY B 300 -20.23 -7.32 17.37
C GLY B 300 -20.17 -8.77 17.81
N VAL B 301 -20.53 -9.70 16.92
CA VAL B 301 -20.46 -11.12 17.24
C VAL B 301 -19.01 -11.54 17.49
N PHE B 302 -18.09 -11.04 16.65
CA PHE B 302 -16.69 -11.41 16.78
C PHE B 302 -16.08 -10.80 18.05
N LEU B 303 -16.39 -9.54 18.34
CA LEU B 303 -15.79 -8.88 19.50
C LEU B 303 -16.27 -9.50 20.81
N SER B 304 -17.50 -10.00 20.85
CA SER B 304 -18.00 -10.63 22.07
C SER B 304 -17.22 -11.89 22.40
N ASP B 305 -16.72 -12.59 21.39
CA ASP B 305 -15.89 -13.77 21.62
C ASP B 305 -14.46 -13.37 22.00
N LEU B 306 -13.85 -12.50 21.20
CA LEU B 306 -12.47 -12.09 21.47
C LEU B 306 -12.33 -11.40 22.82
N LEU B 307 -13.38 -10.70 23.26
CA LEU B 307 -13.34 -9.96 24.51
C LEU B 307 -14.25 -10.59 25.57
N ARG B 308 -14.37 -11.92 25.55
CA ARG B 308 -15.20 -12.61 26.54
C ARG B 308 -14.61 -12.53 27.93
N ASN B 309 -13.28 -12.53 28.04
CA ASN B 309 -12.59 -12.45 29.32
C ASN B 309 -12.23 -11.03 29.72
N HIS B 310 -12.68 -10.03 28.95
CA HIS B 310 -12.32 -8.64 29.22
C HIS B 310 -13.56 -7.74 29.27
N TYR B 311 -14.74 -8.31 29.55
CA TYR B 311 -15.97 -7.55 29.75
C TYR B 311 -16.37 -6.76 28.51
N HIS B 312 -16.10 -7.33 27.32
CA HIS B 312 -16.48 -6.73 26.05
C HIS B 312 -15.91 -5.32 25.90
N LYS B 313 -14.62 -5.17 26.20
CA LYS B 313 -13.97 -3.89 26.11
C LYS B 313 -12.46 -4.10 26.00
N PHE B 314 -11.83 -3.35 25.10
CA PHE B 314 -10.38 -3.38 25.01
C PHE B 314 -9.76 -2.64 26.20
N PRO B 315 -8.62 -3.11 26.68
CA PRO B 315 -7.94 -2.43 27.80
C PRO B 315 -7.53 -1.03 27.40
N PRO B 316 -7.10 -0.20 28.37
CA PRO B 316 -6.68 1.17 28.03
C PRO B 316 -5.50 1.18 27.07
N ASN B 317 -5.52 2.17 26.17
CA ASN B 317 -4.47 2.36 25.17
C ASN B 317 -4.30 1.13 24.27
N ILE B 318 -5.38 0.40 24.04
CA ILE B 318 -5.36 -0.81 23.21
C ILE B 318 -6.27 -0.57 22.02
N ASN B 319 -5.67 -0.34 20.86
CA ASN B 319 -6.44 -0.12 19.64
C ASN B 319 -6.31 -1.36 18.75
N PRO B 320 -7.43 -1.98 18.34
CA PRO B 320 -7.30 -3.20 17.53
C PRO B 320 -6.77 -2.94 16.13
N SER B 321 -7.04 -1.78 15.55
CA SER B 321 -6.54 -1.49 14.21
C SER B 321 -5.03 -1.25 14.24
N LEU B 322 -4.55 -0.47 15.20
CA LEU B 322 -3.11 -0.21 15.30
C LEU B 322 -2.34 -1.48 15.60
N ILE B 323 -2.85 -2.31 16.51
CA ILE B 323 -2.18 -3.56 16.86
C ILE B 323 -2.17 -4.51 15.66
N SER B 324 -3.33 -4.70 15.02
CA SER B 324 -3.40 -5.60 13.88
C SER B 324 -2.57 -5.09 12.70
N LEU B 325 -2.44 -3.77 12.56
CA LEU B 325 -1.64 -3.21 11.48
C LEU B 325 -0.16 -3.48 11.68
N LYS B 326 0.30 -3.49 12.94
CA LYS B 326 1.70 -3.79 13.21
C LYS B 326 2.02 -5.26 12.98
N ASP B 327 1.17 -6.14 13.51
CA ASP B 327 1.43 -7.59 13.40
C ASP B 327 1.50 -8.03 11.95
N ARG B 328 0.77 -7.35 11.06
CA ARG B 328 0.79 -7.73 9.66
C ARG B 328 2.09 -7.33 8.98
N PHE B 329 2.50 -6.07 9.13
CA PHE B 329 3.58 -5.51 8.34
C PHE B 329 4.87 -5.25 9.11
N LEU B 330 4.86 -5.37 10.44
CA LEU B 330 6.10 -5.23 11.19
C LEU B 330 6.00 -5.93 12.55
N PRO B 331 6.06 -7.26 12.60
CA PRO B 331 6.02 -7.95 13.89
C PRO B 331 7.27 -7.74 14.74
N HIS B 332 8.28 -7.05 14.22
CA HIS B 332 9.51 -6.73 14.95
C HIS B 332 9.60 -5.21 15.02
N GLU B 333 8.99 -4.63 16.05
CA GLU B 333 8.89 -3.19 16.20
C GLU B 333 9.91 -2.62 17.19
N LYS B 334 10.92 -3.40 17.55
CA LYS B 334 11.99 -2.88 18.40
C LYS B 334 12.67 -1.67 17.78
N HIS B 335 12.59 -1.53 16.46
CA HIS B 335 13.19 -0.37 15.80
C HIS B 335 12.24 0.82 15.80
N SER B 336 10.96 0.58 15.52
CA SER B 336 9.97 1.65 15.46
C SER B 336 9.51 2.10 16.85
N GLN B 337 9.74 1.26 17.86
CA GLN B 337 9.32 1.61 19.24
C GLN B 337 10.20 2.74 19.77
N LYS B 338 11.50 2.69 19.48
CA LYS B 338 12.41 3.72 19.95
C LYS B 338 12.22 5.03 19.19
N VAL B 339 11.79 4.95 17.93
CA VAL B 339 11.51 6.16 17.16
C VAL B 339 10.39 6.96 17.82
N LYS B 340 9.43 6.28 18.46
CA LYS B 340 8.37 6.98 19.17
C LYS B 340 8.89 7.61 20.46
N LYS B 341 9.64 6.84 21.24
CA LYS B 341 10.08 7.32 22.55
C LYS B 341 10.94 8.57 22.45
N GLU B 342 11.63 8.76 21.32
CA GLU B 342 12.41 9.96 21.11
C GLU B 342 11.56 11.13 20.64
N CYS B 343 10.36 10.88 20.10
CA CYS B 343 9.48 11.97 19.70
C CYS B 343 8.90 12.68 20.92
N VAL B 344 8.56 11.92 21.96
CA VAL B 344 7.96 12.52 23.16
C VAL B 344 8.95 13.46 23.82
N LYS B 345 10.19 13.00 24.01
CA LYS B 345 11.21 13.85 24.61
C LYS B 345 11.54 15.04 23.74
N LEU B 346 11.65 14.82 22.42
CA LEU B 346 11.97 15.91 21.50
C LEU B 346 10.87 16.97 21.45
N PHE B 347 9.64 16.58 21.76
CA PHE B 347 8.53 17.54 21.69
C PHE B 347 8.60 18.53 22.85
N GLU B 348 8.62 18.02 24.09
CA GLU B 348 8.71 18.91 25.25
C GLU B 348 10.03 19.69 25.25
N ALA B 349 11.08 19.12 24.66
CA ALA B 349 12.35 19.82 24.53
C ALA B 349 12.33 20.89 23.44
N LEU B 350 11.14 21.20 22.92
CA LEU B 350 10.98 22.31 21.97
C LEU B 350 9.71 23.11 22.23
N SER B 351 9.02 22.87 23.34
CA SER B 351 7.73 23.52 23.57
C SER B 351 7.78 25.05 23.58
N PRO B 352 8.85 25.74 24.01
CA PRO B 352 8.85 27.20 23.88
C PRO B 352 8.74 27.69 22.45
N LEU B 353 9.37 27.01 21.49
CA LEU B 353 9.40 27.53 20.13
C LEU B 353 8.08 27.28 19.40
N HIS B 354 7.44 26.14 19.63
CA HIS B 354 6.21 25.81 18.90
C HIS B 354 4.95 26.02 19.72
N LYS B 355 5.00 25.81 21.04
CA LYS B 355 3.86 26.04 21.93
C LYS B 355 2.62 25.29 21.45
N ILE B 356 2.81 24.02 21.11
CA ILE B 356 1.77 23.19 20.53
C ILE B 356 0.99 22.50 21.64
N ASP B 357 -0.32 22.38 21.44
CA ASP B 357 -1.18 21.69 22.39
C ASP B 357 -0.67 20.27 22.66
N GLU B 358 -0.70 19.87 23.93
CA GLU B 358 -0.17 18.58 24.35
C GLU B 358 -1.06 17.41 23.94
N LYS B 359 -2.18 17.66 23.27
CA LYS B 359 -3.03 16.56 22.81
C LYS B 359 -2.52 15.94 21.52
N TYR B 360 -1.70 16.65 20.75
CA TYR B 360 -1.21 16.15 19.47
C TYR B 360 -0.08 15.14 19.63
N LEU B 361 0.34 14.83 20.86
CA LEU B 361 1.30 13.75 21.05
C LEU B 361 0.70 12.42 20.60
N PHE B 362 -0.61 12.24 20.83
CA PHE B 362 -1.29 11.04 20.37
C PHE B 362 -1.07 10.79 18.88
N HIS B 363 -1.16 11.86 18.08
CA HIS B 363 -0.92 11.71 16.65
C HIS B 363 0.56 11.55 16.35
N LEU B 364 1.42 12.27 17.07
CA LEU B 364 2.86 12.19 16.83
C LEU B 364 3.44 10.87 17.30
N LYS B 365 2.86 10.27 18.34
CA LYS B 365 3.38 9.00 18.85
C LYS B 365 3.00 7.84 17.94
N ILE B 366 1.74 7.77 17.50
CA ILE B 366 1.33 6.72 16.58
C ILE B 366 2.05 6.88 15.24
N ALA B 367 2.35 8.12 14.84
CA ALA B 367 3.07 8.33 13.59
C ALA B 367 4.47 7.74 13.67
N GLY B 368 5.18 7.99 14.77
CA GLY B 368 6.53 7.46 14.92
C GLY B 368 6.60 5.95 14.95
N GLU B 369 5.51 5.29 15.31
CA GLU B 369 5.48 3.83 15.29
C GLU B 369 5.29 3.27 13.89
N LEU B 370 4.54 3.98 13.04
CA LEU B 370 4.17 3.49 11.72
C LEU B 370 4.81 4.27 10.58
N ALA B 371 5.70 5.22 10.88
CA ALA B 371 6.31 6.01 9.83
C ALA B 371 7.17 5.16 8.91
N SER B 372 7.79 4.11 9.44
CA SER B 372 8.61 3.21 8.65
C SER B 372 7.88 1.94 8.24
N MET B 373 6.55 1.90 8.40
CA MET B 373 5.80 0.70 8.06
C MET B 373 5.84 0.40 6.57
N GLY B 374 5.93 1.43 5.73
CA GLY B 374 5.90 1.25 4.28
C GLY B 374 7.05 0.46 3.72
N LYS B 375 8.10 0.21 4.52
CA LYS B 375 9.27 -0.52 4.01
C LYS B 375 8.92 -1.95 3.61
N ILE B 376 7.82 -2.50 4.13
CA ILE B 376 7.42 -3.85 3.76
C ILE B 376 7.02 -3.94 2.30
N LEU B 377 6.66 -2.81 1.68
CA LEU B 377 6.32 -2.77 0.26
C LEU B 377 7.53 -2.44 -0.59
N SER B 378 8.26 -1.39 -0.24
CA SER B 378 9.46 -0.98 -0.95
C SER B 378 10.21 0.04 -0.10
N VAL B 379 11.54 -0.05 -0.07
CA VAL B 379 12.33 0.91 0.68
C VAL B 379 12.38 2.26 -0.02
N TYR B 380 12.10 2.31 -1.32
CA TYR B 380 12.07 3.56 -2.07
C TYR B 380 10.67 4.15 -1.97
N LEU B 381 10.59 5.40 -1.50
CA LEU B 381 9.31 6.06 -1.20
C LEU B 381 8.55 5.33 -0.10
N ALA B 382 9.29 4.86 0.92
CA ALA B 382 8.68 4.08 1.99
C ALA B 382 7.72 4.94 2.81
N HIS B 383 8.09 6.20 3.07
CA HIS B 383 7.19 7.08 3.80
C HIS B 383 5.92 7.38 3.01
N LYS B 384 6.02 7.44 1.68
CA LYS B 384 4.83 7.55 0.85
C LYS B 384 3.96 6.30 0.98
N HIS B 385 4.61 5.13 1.09
CA HIS B 385 3.85 3.89 1.25
C HIS B 385 3.21 3.80 2.63
N SER B 386 3.88 4.32 3.66
CA SER B 386 3.31 4.32 5.00
C SER B 386 2.04 5.16 5.04
N ALA B 387 2.09 6.38 4.49
CA ALA B 387 0.91 7.25 4.49
C ALA B 387 -0.26 6.61 3.76
N TYR B 388 0.02 5.86 2.69
CA TYR B 388 -1.04 5.14 2.01
C TYR B 388 -1.65 4.08 2.91
N PHE B 389 -0.81 3.35 3.65
CA PHE B 389 -1.31 2.34 4.57
C PHE B 389 -2.13 2.98 5.69
N ILE B 390 -1.67 4.12 6.21
CA ILE B 390 -2.37 4.80 7.30
C ILE B 390 -3.75 5.23 6.85
N LEU B 391 -3.81 6.01 5.76
CA LEU B 391 -5.06 6.61 5.32
C LEU B 391 -6.10 5.57 4.91
N ASN B 392 -5.69 4.33 4.66
CA ASN B 392 -6.60 3.31 4.14
C ASN B 392 -6.83 2.14 5.09
N ALA B 393 -6.09 2.03 6.20
CA ALA B 393 -6.24 0.86 7.05
C ALA B 393 -6.41 1.21 8.52
N LEU B 394 -5.88 2.36 8.94
CA LEU B 394 -5.96 2.79 10.35
C LEU B 394 -7.37 3.32 10.62
N SER B 395 -8.32 2.38 10.72
CA SER B 395 -9.74 2.72 10.78
C SER B 395 -10.31 2.66 12.19
N TYR B 396 -10.19 1.52 12.86
CA TYR B 396 -10.89 1.30 14.13
C TYR B 396 -10.35 2.24 15.21
N GLY B 397 -11.23 3.05 15.78
CA GLY B 397 -10.89 3.92 16.88
C GLY B 397 -10.29 5.25 16.49
N PHE B 398 -10.16 5.53 15.20
CA PHE B 398 -9.55 6.78 14.72
C PHE B 398 -10.58 7.56 13.90
N SER B 399 -10.69 8.85 14.18
CA SER B 399 -11.49 9.72 13.34
C SER B 399 -10.72 10.06 12.06
N HIS B 400 -11.45 10.56 11.06
CA HIS B 400 -10.80 10.96 9.83
C HIS B 400 -9.77 12.05 10.05
N GLN B 401 -9.99 12.90 11.06
CA GLN B 401 -9.01 13.93 11.38
C GLN B 401 -7.74 13.33 11.97
N ASP B 402 -7.89 12.30 12.81
CA ASP B 402 -6.72 11.62 13.36
C ASP B 402 -5.90 10.97 12.26
N ARG B 403 -6.58 10.28 11.34
CA ARG B 403 -5.87 9.63 10.24
C ARG B 403 -5.22 10.65 9.32
N ALA B 404 -5.93 11.75 9.02
CA ALA B 404 -5.38 12.77 8.14
C ALA B 404 -4.10 13.37 8.71
N ILE B 405 -4.08 13.64 10.02
CA ILE B 405 -2.89 14.17 10.66
C ILE B 405 -1.75 13.15 10.60
N ILE B 406 -2.03 11.91 11.02
CA ILE B 406 -1.00 10.88 11.04
C ILE B 406 -0.50 10.60 9.62
N CYS B 407 -1.40 10.65 8.64
CA CYS B 407 -1.00 10.43 7.26
C CYS B 407 -0.03 11.51 6.78
N LEU B 408 -0.33 12.77 7.09
CA LEU B 408 0.53 13.85 6.63
C LEU B 408 1.88 13.86 7.33
N LEU B 409 1.92 13.43 8.61
CA LEU B 409 3.18 13.41 9.33
C LEU B 409 4.17 12.43 8.68
N ALA B 410 3.67 11.27 8.26
CA ALA B 410 4.55 10.26 7.67
C ALA B 410 4.87 10.57 6.22
N GLN B 411 3.89 11.04 5.45
CA GLN B 411 4.10 11.26 4.02
C GLN B 411 5.16 12.33 3.78
N PHE B 412 5.09 13.44 4.49
CA PHE B 412 5.97 14.58 4.28
C PHE B 412 7.14 14.59 5.26
N SER B 413 7.65 13.42 5.64
CA SER B 413 8.87 13.36 6.42
C SER B 413 10.06 13.80 5.58
N HIS B 414 10.94 14.59 6.19
CA HIS B 414 12.09 15.19 5.51
C HIS B 414 11.70 16.04 4.31
N LYS B 415 10.45 16.55 4.30
CA LYS B 415 9.94 17.35 3.21
C LYS B 415 9.06 18.46 3.77
N LYS B 416 8.70 19.40 2.92
CA LYS B 416 7.83 20.50 3.30
C LYS B 416 6.43 20.26 2.75
N ILE B 417 5.42 20.67 3.52
CA ILE B 417 4.02 20.44 3.17
C ILE B 417 3.51 21.62 2.36
N PRO B 418 2.93 21.39 1.18
CA PRO B 418 2.38 22.50 0.38
C PRO B 418 1.21 23.17 1.08
N LYS B 419 0.91 24.39 0.64
CA LYS B 419 -0.18 25.16 1.22
C LYS B 419 -1.55 24.71 0.74
N ASP B 420 -1.62 24.02 -0.40
CA ASP B 420 -2.89 23.61 -0.99
C ASP B 420 -3.17 22.13 -0.82
N ASN B 421 -2.60 21.50 0.22
CA ASN B 421 -2.83 20.08 0.44
C ASN B 421 -4.31 19.83 0.74
N ALA B 422 -4.91 18.93 -0.04
CA ALA B 422 -6.33 18.64 0.12
C ALA B 422 -6.63 17.99 1.46
N ILE B 423 -5.77 17.05 1.88
CA ILE B 423 -6.00 16.35 3.14
C ILE B 423 -5.75 17.27 4.32
N ALA B 424 -4.90 18.29 4.14
CA ALA B 424 -4.64 19.23 5.23
C ALA B 424 -5.77 20.23 5.41
N HIS B 425 -6.55 20.49 4.36
CA HIS B 425 -7.64 21.45 4.42
C HIS B 425 -9.01 20.76 4.36
N MET B 426 -9.09 19.49 4.73
CA MET B 426 -10.34 18.75 4.69
C MET B 426 -11.26 19.06 5.86
N SER B 427 -10.83 19.89 6.81
CA SER B 427 -11.64 20.21 7.97
C SER B 427 -11.18 21.55 8.53
N ALA B 428 -12.08 22.21 9.26
CA ALA B 428 -11.77 23.47 9.90
C ALA B 428 -11.07 23.31 11.24
N MET B 429 -11.07 22.11 11.81
CA MET B 429 -10.42 21.85 13.09
C MET B 429 -9.01 21.31 12.94
N MET B 430 -8.53 21.14 11.70
CA MET B 430 -7.17 20.68 11.49
C MET B 430 -6.17 21.72 12.02
N PRO B 431 -5.02 21.27 12.51
CA PRO B 431 -3.99 22.22 12.95
C PRO B 431 -3.41 22.99 11.78
N SER B 432 -2.68 24.05 12.10
CA SER B 432 -2.07 24.87 11.06
C SER B 432 -0.87 24.16 10.46
N LEU B 433 -0.50 24.58 9.24
CA LEU B 433 0.65 23.99 8.58
C LEU B 433 1.92 24.19 9.39
N LEU B 434 2.04 25.33 10.08
CA LEU B 434 3.18 25.55 10.95
C LEU B 434 3.22 24.53 12.09
N THR B 435 2.04 24.12 12.57
CA THR B 435 1.98 23.06 13.57
C THR B 435 2.32 21.71 12.95
N LEU B 436 1.82 21.46 11.74
CA LEU B 436 2.11 20.19 11.07
C LEU B 436 3.58 20.09 10.71
N GLN B 437 4.19 21.18 10.24
CA GLN B 437 5.62 21.17 9.93
C GLN B 437 6.45 20.86 11.17
N TRP B 438 6.02 21.38 12.33
CA TRP B 438 6.74 21.10 13.57
C TRP B 438 6.71 19.62 13.91
N LEU B 439 5.52 19.02 13.85
CA LEU B 439 5.39 17.59 14.15
C LEU B 439 6.17 16.75 13.15
N SER B 440 6.04 17.06 11.86
CA SER B 440 6.81 16.36 10.84
C SER B 440 8.31 16.57 11.01
N PHE B 441 8.71 17.75 11.47
CA PHE B 441 10.12 18.00 11.74
C PHE B 441 10.63 17.14 12.89
N ILE B 442 9.87 17.06 13.98
CA ILE B 442 10.26 16.26 15.13
C ILE B 442 10.41 14.80 14.73
N LEU B 443 9.45 14.29 13.96
CA LEU B 443 9.52 12.91 13.50
C LEU B 443 10.72 12.70 12.57
N SER B 444 10.99 13.68 11.70
CA SER B 444 12.16 13.59 10.83
C SER B 444 13.44 13.54 11.63
N LEU B 445 13.55 14.40 12.65
CA LEU B 445 14.76 14.42 13.47
C LEU B 445 14.86 13.16 14.32
N ALA B 446 13.73 12.64 14.81
CA ALA B 446 13.75 11.44 15.62
C ALA B 446 14.18 10.22 14.80
N GLU B 447 13.76 10.16 13.54
CA GLU B 447 14.17 9.06 12.68
C GLU B 447 15.67 9.08 12.40
N ASN B 448 16.26 10.28 12.33
CA ASN B 448 17.69 10.39 12.12
C ASN B 448 18.47 9.94 13.35
N LEU B 449 17.96 10.25 14.55
CA LEU B 449 18.64 9.88 15.78
C LEU B 449 18.42 8.42 16.16
N CYS B 450 17.43 7.76 15.57
CA CYS B 450 17.14 6.36 15.83
C CYS B 450 17.58 5.43 14.71
N LEU B 451 18.19 5.97 13.65
CA LEU B 451 18.63 5.14 12.53
C LEU B 451 19.62 4.08 13.00
N THR B 452 20.76 4.52 13.53
CA THR B 452 21.71 3.60 14.11
C THR B 452 21.19 3.07 15.45
N ASP B 453 21.90 2.08 16.00
CA ASP B 453 21.52 1.50 17.29
C ASP B 453 22.04 2.36 18.44
N SER B 454 21.65 3.64 18.41
CA SER B 454 22.03 4.58 19.44
C SER B 454 21.34 4.21 20.76
N HIS B 455 21.71 4.94 21.82
CA HIS B 455 21.23 4.58 23.15
C HIS B 455 21.33 5.78 24.08
N HIS B 456 20.23 6.05 24.79
CA HIS B 456 20.21 6.97 25.94
C HIS B 456 20.66 8.38 25.53
N LEU B 457 19.86 9.00 24.68
CA LEU B 457 20.09 10.37 24.26
C LEU B 457 19.37 11.34 25.19
N LYS B 458 19.83 12.59 25.18
CA LYS B 458 19.20 13.65 25.98
C LYS B 458 19.40 14.97 25.25
N TYR B 459 18.33 15.75 25.16
CA TYR B 459 18.32 16.99 24.39
C TYR B 459 18.23 18.19 25.32
N THR B 460 18.43 19.37 24.74
CA THR B 460 18.27 20.63 25.45
C THR B 460 18.13 21.74 24.42
N LEU B 461 17.38 22.78 24.79
CA LEU B 461 17.13 23.89 23.90
C LEU B 461 17.72 25.18 24.47
N GLU B 462 17.87 26.17 23.60
CA GLU B 462 18.23 27.53 24.08
C GLU B 462 17.19 28.45 23.43
N LYS B 463 17.64 29.58 22.90
CA LYS B 463 16.82 30.47 22.09
C LYS B 463 16.51 29.86 20.72
N ASN B 464 17.56 29.57 19.95
CA ASN B 464 17.42 28.86 18.69
C ASN B 464 18.30 27.61 18.60
N LYS B 465 19.23 27.43 19.52
CA LYS B 465 20.13 26.28 19.50
C LYS B 465 19.45 25.07 20.12
N LEU B 466 19.46 23.95 19.40
CA LEU B 466 19.01 22.67 19.92
C LEU B 466 20.23 21.75 19.95
N VAL B 467 20.70 21.44 21.16
CA VAL B 467 21.93 20.66 21.37
C VAL B 467 21.53 19.26 21.79
N ILE B 468 22.12 18.26 21.15
CA ILE B 468 21.79 16.86 21.39
C ILE B 468 22.97 16.22 22.13
N HIS B 469 22.74 15.79 23.36
CA HIS B 469 23.77 15.15 24.18
C HIS B 469 23.65 13.64 24.05
N SER B 470 24.77 12.98 23.74
CA SER B 470 24.81 11.54 23.63
C SER B 470 26.26 11.09 23.60
N ASN B 471 26.49 9.86 24.05
CA ASN B 471 27.81 9.25 24.03
C ASN B 471 28.08 8.49 22.74
N ASP B 472 27.29 8.74 21.70
CA ASP B 472 27.42 8.06 20.42
C ASP B 472 28.04 9.01 19.40
N ALA B 473 28.60 8.42 18.33
CA ALA B 473 29.23 9.23 17.30
C ALA B 473 28.19 9.99 16.48
N LEU B 474 27.11 9.31 16.08
CA LEU B 474 26.05 9.92 15.27
C LEU B 474 26.61 10.53 13.98
N TYR B 475 27.51 9.80 13.33
CA TYR B 475 28.13 10.30 12.11
C TYR B 475 27.10 10.43 11.00
N LEU B 476 26.30 9.39 10.78
CA LEU B 476 25.30 9.42 9.71
C LEU B 476 24.21 10.44 10.00
N ALA B 477 23.80 10.55 11.27
CA ALA B 477 22.77 11.51 11.64
C ALA B 477 23.18 12.95 11.35
N LYS B 478 24.49 13.22 11.32
CA LYS B 478 24.98 14.55 10.99
C LYS B 478 25.10 14.77 9.48
N GLU B 479 25.40 13.72 8.72
CA GLU B 479 25.59 13.87 7.28
C GLU B 479 24.29 14.23 6.57
N MET B 480 23.16 13.67 7.04
CA MET B 480 21.86 13.94 6.44
C MET B 480 21.10 15.04 7.16
N LEU B 481 21.79 15.84 7.98
CA LEU B 481 21.18 16.95 8.68
C LEU B 481 20.81 18.09 7.74
N PRO B 482 21.62 18.42 6.72
CA PRO B 482 21.17 19.43 5.75
C PRO B 482 19.89 19.05 5.01
N LYS B 483 19.64 17.78 4.79
CA LYS B 483 18.42 17.34 4.14
C LYS B 483 17.27 17.26 5.14
N LEU B 484 17.03 18.34 5.83
CA LEU B 484 16.02 18.37 6.90
C LEU B 484 15.28 19.69 6.82
N VAL B 485 13.97 19.61 6.60
CA VAL B 485 13.13 20.81 6.54
C VAL B 485 12.85 21.29 7.95
N LYS B 486 13.10 22.59 8.20
CA LYS B 486 12.89 23.19 9.52
C LYS B 486 11.62 24.04 9.53
N PRO B 487 10.85 23.99 10.61
CA PRO B 487 9.64 24.83 10.67
C PRO B 487 9.97 26.31 10.82
N ILE B 488 10.95 26.64 11.64
CA ILE B 488 11.43 28.02 11.81
C ILE B 488 12.95 28.01 11.81
N PRO B 489 13.57 29.17 11.64
CA PRO B 489 15.04 29.23 11.71
C PRO B 489 15.54 28.81 13.09
N LEU B 490 16.26 27.69 13.12
CA LEU B 490 16.85 27.18 14.35
C LEU B 490 18.14 26.44 14.02
N THR B 491 18.92 26.16 15.05
CA THR B 491 20.22 25.53 14.91
C THR B 491 20.23 24.18 15.62
N ILE B 492 20.78 23.17 14.95
CA ILE B 492 20.93 21.83 15.51
C ILE B 492 22.43 21.57 15.67
N GLU B 493 22.86 21.35 16.90
CA GLU B 493 24.27 21.10 17.22
C GLU B 493 24.39 19.82 18.02
N PHE B 494 25.49 19.09 17.78
CA PHE B 494 25.78 17.84 18.46
C PHE B 494 26.91 18.08 19.45
N ALA B 495 26.62 17.97 20.74
CA ALA B 495 27.65 18.11 21.78
C ALA B 495 27.71 16.88 22.65
#